data_5K51
#
_entry.id   5K51
#
_cell.length_a   57.093
_cell.length_b   88.633
_cell.length_c   94.664
_cell.angle_alpha   90.00
_cell.angle_beta   107.16
_cell.angle_gamma   90.00
#
_symmetry.space_group_name_H-M   'P 1 21 1'
#
loop_
_entity.id
_entity.type
_entity.pdbx_description
1 polymer 'Hypoxanthine-guanine phosphoribosyltransferase'
2 non-polymer '5-(6-oxidanylidene-3~{H}-purin-9-yl)pentylphosphonic acid'
3 water water
#
_entity_poly.entity_id   1
_entity_poly.type   'polypeptide(L)'
_entity_poly.pdbx_seq_one_letter_code
;HHHHHHMEPACKYDFATSVLFTEAELHTRMRGVAQRIADDYSNCNLKPLENPLVIVSVLKGSFVFTADMVRILGDFGVPT
RVEFLRASSYGHDTKSCGRVDVKADGLCDIRGKHVLVLEDILDTALTLREVVDSLKKSEPASIKTLVAIDKPGGRKIPFT
AEYVVADVPNVFVVGYGLDYDQSYREVRDVVILKPSVYETWGKELERRKAAGEAKR
;
_entity_poly.pdbx_strand_id   A,B,C,D
#
# COMPACT_ATOMS: atom_id res chain seq x y z
N TYR A 13 3.52 -34.02 -15.50
CA TYR A 13 4.43 -34.42 -14.44
C TYR A 13 5.30 -35.60 -14.85
N ASP A 14 5.81 -35.59 -16.08
CA ASP A 14 6.50 -36.76 -16.61
C ASP A 14 7.85 -36.99 -15.94
N PHE A 15 7.85 -37.00 -14.61
CA PHE A 15 8.88 -37.63 -13.81
C PHE A 15 8.26 -38.62 -12.84
N ALA A 16 7.00 -38.98 -13.07
CA ALA A 16 6.21 -39.80 -12.17
C ALA A 16 5.45 -40.84 -12.98
N THR A 17 4.90 -41.83 -12.28
CA THR A 17 4.15 -42.89 -12.94
C THR A 17 2.65 -42.61 -12.97
N SER A 18 2.11 -42.03 -11.89
CA SER A 18 0.68 -41.77 -11.81
C SER A 18 0.44 -40.52 -10.98
N VAL A 19 -0.75 -39.94 -11.15
CA VAL A 19 -1.22 -38.82 -10.34
C VAL A 19 -2.36 -39.37 -9.49
N LEU A 20 -2.06 -39.67 -8.22
CA LEU A 20 -3.05 -40.29 -7.36
C LEU A 20 -4.16 -39.32 -6.98
N PHE A 21 -3.80 -38.11 -6.57
CA PHE A 21 -4.78 -37.11 -6.14
C PHE A 21 -4.35 -35.74 -6.64
N THR A 22 -5.29 -35.05 -7.29
CA THR A 22 -5.01 -33.73 -7.81
C THR A 22 -5.19 -32.67 -6.73
N GLU A 23 -4.77 -31.45 -7.05
CA GLU A 23 -4.94 -30.34 -6.12
C GLU A 23 -6.41 -30.05 -5.87
N ALA A 24 -7.25 -30.19 -6.91
CA ALA A 24 -8.68 -29.97 -6.74
C ALA A 24 -9.33 -31.10 -5.95
N GLU A 25 -8.91 -32.34 -6.20
CA GLU A 25 -9.49 -33.48 -5.49
C GLU A 25 -9.21 -33.39 -4.00
N LEU A 26 -7.99 -33.03 -3.63
CA LEU A 26 -7.66 -32.87 -2.21
C LEU A 26 -8.50 -31.78 -1.57
N HIS A 27 -8.56 -30.60 -2.20
CA HIS A 27 -9.34 -29.49 -1.65
C HIS A 27 -10.81 -29.85 -1.53
N THR A 28 -11.38 -30.48 -2.56
CA THR A 28 -12.77 -30.91 -2.48
C THR A 28 -12.95 -31.99 -1.43
N ARG A 29 -11.92 -32.80 -1.17
CA ARG A 29 -11.96 -33.71 -0.03
C ARG A 29 -11.83 -32.95 1.27
N MET A 30 -10.96 -31.94 1.32
CA MET A 30 -10.80 -31.14 2.53
C MET A 30 -12.03 -30.28 2.80
N ARG A 31 -12.75 -29.88 1.75
CA ARG A 31 -14.01 -29.18 1.95
C ARG A 31 -14.98 -30.03 2.76
N GLY A 32 -15.10 -31.32 2.39
CA GLY A 32 -15.97 -32.20 3.15
C GLY A 32 -15.46 -32.48 4.55
N VAL A 33 -14.13 -32.52 4.73
CA VAL A 33 -13.58 -32.74 6.06
C VAL A 33 -13.79 -31.49 6.93
N ALA A 34 -13.62 -30.31 6.34
CA ALA A 34 -13.81 -29.07 7.10
C ALA A 34 -15.25 -28.94 7.58
N GLN A 35 -16.21 -29.36 6.76
CA GLN A 35 -17.59 -29.40 7.20
C GLN A 35 -17.76 -30.38 8.35
N ARG A 36 -17.09 -31.53 8.27
CA ARG A 36 -17.16 -32.53 9.34
C ARG A 36 -16.55 -31.98 10.63
N ILE A 37 -15.41 -31.32 10.53
CA ILE A 37 -14.75 -30.77 11.72
C ILE A 37 -15.59 -29.65 12.32
N ALA A 38 -16.22 -28.83 11.48
CA ALA A 38 -17.05 -27.74 11.99
C ALA A 38 -18.25 -28.26 12.77
N ASP A 39 -18.82 -29.38 12.32
CA ASP A 39 -19.97 -29.95 13.03
C ASP A 39 -19.55 -30.56 14.36
N ASP A 40 -18.36 -31.16 14.42
CA ASP A 40 -17.92 -31.79 15.66
C ASP A 40 -17.53 -30.74 16.70
N TYR A 41 -16.85 -29.67 16.27
CA TYR A 41 -16.42 -28.61 17.17
C TYR A 41 -17.42 -27.47 17.24
N SER A 42 -18.73 -27.77 17.17
CA SER A 42 -19.72 -26.71 17.18
C SER A 42 -20.01 -26.21 18.59
N ASN A 43 -20.13 -27.12 19.55
CA ASN A 43 -20.41 -26.75 20.93
C ASN A 43 -19.16 -26.36 21.72
N CYS A 44 -18.04 -26.15 21.04
CA CYS A 44 -16.81 -25.75 21.70
C CYS A 44 -16.66 -24.23 21.81
N ASN A 45 -17.52 -23.46 21.15
CA ASN A 45 -17.48 -22.01 21.16
C ASN A 45 -16.10 -21.50 20.73
N LEU A 46 -15.69 -21.90 19.53
CA LEU A 46 -14.40 -21.52 18.99
C LEU A 46 -14.47 -20.11 18.41
N LYS A 47 -13.56 -19.24 18.84
CA LYS A 47 -13.49 -17.88 18.35
C LYS A 47 -12.04 -17.42 18.41
N PRO A 48 -11.63 -16.50 17.53
CA PRO A 48 -10.24 -16.04 17.54
C PRO A 48 -9.84 -15.43 18.87
N LEU A 49 -8.52 -15.44 19.12
CA LEU A 49 -7.93 -14.90 20.34
C LEU A 49 -8.40 -15.64 21.59
N GLU A 50 -9.71 -15.60 21.88
CA GLU A 50 -10.23 -16.16 23.12
C GLU A 50 -10.10 -17.68 23.13
N ASN A 51 -10.61 -18.34 22.09
CA ASN A 51 -10.57 -19.79 22.14
C ASN A 51 -10.51 -20.37 20.72
N PRO A 52 -9.36 -20.37 20.04
CA PRO A 52 -9.29 -20.96 18.71
C PRO A 52 -8.89 -22.43 18.75
N LEU A 53 -9.00 -23.09 17.60
CA LEU A 53 -8.58 -24.48 17.48
C LEU A 53 -7.06 -24.51 17.27
N VAL A 54 -6.33 -25.06 18.24
CA VAL A 54 -4.87 -25.08 18.19
C VAL A 54 -4.45 -26.16 17.19
N ILE A 55 -3.83 -25.74 16.10
CA ILE A 55 -3.36 -26.65 15.05
C ILE A 55 -1.89 -26.96 15.30
N VAL A 56 -1.59 -28.22 15.55
CA VAL A 56 -0.22 -28.68 15.76
C VAL A 56 0.24 -29.33 14.46
N SER A 57 1.19 -28.68 13.78
CA SER A 57 1.72 -29.17 12.51
C SER A 57 3.04 -29.90 12.73
N VAL A 58 3.21 -31.02 12.03
CA VAL A 58 4.34 -31.92 12.23
C VAL A 58 5.01 -32.16 10.89
N LEU A 59 6.20 -32.77 10.95
CA LEU A 59 6.88 -33.39 9.81
C LEU A 59 7.38 -32.40 8.78
N LYS A 60 7.51 -31.12 9.12
CA LYS A 60 8.10 -30.12 8.24
C LYS A 60 7.34 -29.96 6.92
N GLY A 61 7.16 -31.06 6.19
CA GLY A 61 6.49 -31.01 4.90
C GLY A 61 5.00 -30.75 4.96
N SER A 62 4.41 -30.80 6.14
CA SER A 62 2.97 -30.54 6.27
C SER A 62 2.61 -29.07 6.16
N PHE A 63 3.58 -28.20 5.85
CA PHE A 63 3.28 -26.78 5.74
C PHE A 63 2.37 -26.49 4.56
N VAL A 64 2.44 -27.30 3.50
CA VAL A 64 1.53 -27.13 2.37
C VAL A 64 0.12 -27.56 2.77
N PHE A 65 0.01 -28.70 3.45
CA PHE A 65 -1.30 -29.16 3.90
C PHE A 65 -1.89 -28.25 4.96
N THR A 66 -1.06 -27.75 5.87
CA THR A 66 -1.55 -26.86 6.91
C THR A 66 -2.01 -25.53 6.34
N ALA A 67 -1.25 -24.96 5.40
CA ALA A 67 -1.60 -23.67 4.83
C ALA A 67 -2.95 -23.71 4.13
N ASP A 68 -3.26 -24.83 3.46
CA ASP A 68 -4.54 -24.95 2.78
C ASP A 68 -5.67 -25.30 3.76
N MET A 69 -5.38 -26.14 4.75
CA MET A 69 -6.45 -26.64 5.61
C MET A 69 -6.96 -25.56 6.57
N VAL A 70 -6.07 -24.75 7.12
CA VAL A 70 -6.52 -23.70 8.03
C VAL A 70 -7.37 -22.67 7.30
N ARG A 71 -7.05 -22.40 6.03
CA ARG A 71 -7.87 -21.47 5.26
C ARG A 71 -9.23 -22.08 4.93
N ILE A 72 -9.25 -23.36 4.56
CA ILE A 72 -10.52 -24.02 4.29
C ILE A 72 -11.33 -24.16 5.58
N LEU A 73 -10.66 -24.42 6.70
CA LEU A 73 -11.36 -24.44 7.98
C LEU A 73 -11.97 -23.08 8.30
N GLY A 74 -11.28 -22.00 7.95
CA GLY A 74 -11.81 -20.67 8.21
C GLY A 74 -13.07 -20.37 7.42
N ASP A 75 -13.19 -20.94 6.23
CA ASP A 75 -14.39 -20.73 5.42
C ASP A 75 -15.61 -21.35 6.09
N PHE A 76 -15.43 -22.49 6.75
CA PHE A 76 -16.49 -23.15 7.48
C PHE A 76 -16.64 -22.64 8.90
N GLY A 77 -15.99 -21.52 9.25
CA GLY A 77 -16.20 -20.92 10.54
C GLY A 77 -15.33 -21.46 11.65
N VAL A 78 -14.26 -22.18 11.31
CA VAL A 78 -13.40 -22.78 12.33
C VAL A 78 -12.14 -21.93 12.49
N PRO A 79 -12.03 -21.14 13.55
CA PRO A 79 -10.80 -20.36 13.76
C PRO A 79 -9.67 -21.24 14.28
N THR A 80 -8.47 -21.01 13.76
CA THR A 80 -7.33 -21.85 14.03
C THR A 80 -6.21 -21.06 14.71
N ARG A 81 -5.21 -21.80 15.19
CA ARG A 81 -4.00 -21.22 15.77
C ARG A 81 -2.88 -22.23 15.53
N VAL A 82 -2.09 -22.01 14.48
CA VAL A 82 -1.11 -22.99 14.05
C VAL A 82 0.09 -22.99 14.99
N GLU A 83 0.63 -24.19 15.24
CA GLU A 83 1.87 -24.37 15.98
C GLU A 83 2.67 -25.44 15.28
N PHE A 84 3.98 -25.23 15.17
CA PHE A 84 4.86 -26.10 14.38
C PHE A 84 5.82 -26.86 15.28
N LEU A 85 5.87 -28.17 15.11
CA LEU A 85 6.83 -29.02 15.82
C LEU A 85 7.06 -30.34 15.07
N ILE A 110 -1.42 -23.98 26.02
CA ILE A 110 -1.72 -25.18 25.24
C ILE A 110 -2.47 -26.19 26.10
N ARG A 111 -2.91 -25.73 27.27
CA ARG A 111 -3.67 -26.55 28.21
C ARG A 111 -5.08 -26.00 28.34
N GLY A 112 -6.06 -26.90 28.32
CA GLY A 112 -7.45 -26.51 28.36
C GLY A 112 -8.03 -26.08 27.04
N LYS A 113 -7.31 -26.30 25.94
CA LYS A 113 -7.73 -25.89 24.62
C LYS A 113 -7.82 -27.11 23.71
N HIS A 114 -8.47 -26.93 22.57
CA HIS A 114 -8.71 -28.03 21.64
C HIS A 114 -7.54 -28.15 20.66
N VAL A 115 -7.03 -29.37 20.50
CA VAL A 115 -5.85 -29.65 19.69
C VAL A 115 -6.25 -30.53 18.52
N LEU A 116 -5.81 -30.15 17.32
CA LEU A 116 -6.02 -30.95 16.12
C LEU A 116 -4.67 -31.07 15.41
N VAL A 117 -4.07 -32.25 15.48
CA VAL A 117 -2.76 -32.48 14.90
C VAL A 117 -2.90 -32.73 13.39
N LEU A 118 -2.01 -32.13 12.61
CA LEU A 118 -2.01 -32.26 11.17
C LEU A 118 -0.70 -32.88 10.71
N GLU A 119 -0.80 -33.93 9.90
CA GLU A 119 0.37 -34.57 9.29
C GLU A 119 0.10 -34.81 7.81
N ASP A 120 1.12 -34.52 6.99
CA ASP A 120 0.98 -34.70 5.55
C ASP A 120 0.89 -36.17 5.16
N ILE A 121 1.50 -37.06 5.94
CA ILE A 121 1.52 -38.48 5.63
C ILE A 121 1.45 -39.27 6.93
N LEU A 122 0.58 -40.28 6.97
CA LEU A 122 0.44 -41.18 8.11
C LEU A 122 0.74 -42.59 7.64
N ASP A 123 1.88 -43.13 8.05
CA ASP A 123 2.32 -44.44 7.59
C ASP A 123 2.42 -45.35 8.81
N THR A 124 3.61 -45.52 9.40
CA THR A 124 3.76 -46.40 10.55
C THR A 124 3.13 -45.85 11.82
N ALA A 125 2.74 -44.57 11.83
CA ALA A 125 2.11 -43.92 12.97
C ALA A 125 3.01 -43.85 14.19
N LEU A 126 4.32 -44.04 14.01
CA LEU A 126 5.24 -43.91 15.12
C LEU A 126 5.47 -42.46 15.49
N THR A 127 5.52 -41.58 14.49
CA THR A 127 5.68 -40.15 14.77
C THR A 127 4.44 -39.57 15.41
N LEU A 128 3.26 -39.89 14.87
CA LEU A 128 2.03 -39.29 15.36
C LEU A 128 1.69 -39.78 16.76
N ARG A 129 1.88 -41.08 17.03
CA ARG A 129 1.56 -41.60 18.35
C ARG A 129 2.45 -40.99 19.43
N GLU A 130 3.71 -40.70 19.09
CA GLU A 130 4.59 -40.03 20.04
C GLU A 130 4.16 -38.59 20.27
N VAL A 131 3.80 -37.88 19.20
CA VAL A 131 3.38 -36.49 19.34
C VAL A 131 2.09 -36.40 20.13
N VAL A 132 1.12 -37.26 19.80
CA VAL A 132 -0.18 -37.24 20.47
C VAL A 132 -0.02 -37.50 21.97
N ASP A 133 0.62 -38.61 22.32
CA ASP A 133 0.79 -38.96 23.73
C ASP A 133 1.73 -37.98 24.45
N SER A 134 2.55 -37.24 23.73
CA SER A 134 3.32 -36.17 24.36
C SER A 134 2.47 -34.92 24.58
N LEU A 135 1.48 -34.68 23.71
CA LEU A 135 0.60 -33.54 23.90
C LEU A 135 -0.39 -33.77 25.03
N LYS A 136 -0.79 -35.01 25.26
CA LYS A 136 -1.78 -35.31 26.29
C LYS A 136 -1.25 -35.08 27.70
N LYS A 137 0.07 -35.07 27.88
CA LYS A 137 0.64 -34.80 29.20
C LYS A 137 0.49 -33.33 29.60
N SER A 138 0.13 -32.45 28.67
CA SER A 138 -0.16 -31.06 28.98
C SER A 138 -1.65 -30.83 29.23
N GLU A 139 -2.43 -31.89 29.39
CA GLU A 139 -3.86 -31.82 29.65
C GLU A 139 -4.60 -30.90 28.68
N PRO A 140 -4.64 -31.25 27.38
CA PRO A 140 -5.49 -30.50 26.45
C PRO A 140 -6.95 -30.90 26.62
N ALA A 141 -7.82 -30.00 26.18
CA ALA A 141 -9.26 -30.26 26.30
C ALA A 141 -9.68 -31.46 25.45
N SER A 142 -9.32 -31.45 24.18
CA SER A 142 -9.65 -32.55 23.28
C SER A 142 -8.65 -32.55 22.14
N ILE A 143 -7.92 -33.65 21.99
CA ILE A 143 -6.90 -33.80 20.96
C ILE A 143 -7.35 -34.84 19.96
N LYS A 144 -7.36 -34.45 18.69
CA LYS A 144 -7.66 -35.35 17.58
C LYS A 144 -6.57 -35.19 16.52
N THR A 145 -6.68 -35.94 15.44
CA THR A 145 -5.69 -35.93 14.37
C THR A 145 -6.36 -35.85 13.02
N LEU A 146 -5.75 -35.08 12.12
CA LEU A 146 -6.18 -34.97 10.73
C LEU A 146 -4.95 -35.18 9.85
N VAL A 147 -5.01 -36.18 8.98
CA VAL A 147 -3.90 -36.52 8.10
C VAL A 147 -4.35 -36.35 6.65
N ALA A 148 -3.46 -35.80 5.82
CA ALA A 148 -3.77 -35.61 4.41
C ALA A 148 -3.74 -36.93 3.66
N ILE A 149 -2.58 -37.60 3.67
CA ILE A 149 -2.39 -38.89 3.03
C ILE A 149 -2.17 -39.93 4.13
N ASP A 150 -2.89 -41.03 4.05
CA ASP A 150 -2.81 -42.07 5.07
C ASP A 150 -2.51 -43.41 4.41
N LYS A 151 -1.46 -44.07 4.90
CA LYS A 151 -1.19 -45.44 4.52
C LYS A 151 -1.68 -46.36 5.63
N PRO A 152 -2.93 -46.83 5.56
CA PRO A 152 -3.44 -47.68 6.65
C PRO A 152 -2.85 -49.07 6.66
N GLY A 153 -2.40 -49.57 5.51
CA GLY A 153 -1.65 -50.80 5.45
C GLY A 153 -0.17 -50.53 5.29
N GLY A 154 0.58 -50.69 6.38
CA GLY A 154 1.97 -50.29 6.42
C GLY A 154 2.27 -49.60 7.72
N ARG A 155 1.54 -50.00 8.75
CA ARG A 155 1.61 -49.41 10.08
C ARG A 155 2.29 -50.38 11.03
N LYS A 156 3.02 -49.81 12.00
CA LYS A 156 3.72 -50.62 13.00
C LYS A 156 2.95 -50.74 14.31
N ILE A 157 2.06 -49.80 14.61
CA ILE A 157 1.27 -49.83 15.84
C ILE A 157 -0.15 -49.42 15.52
N PRO A 158 -1.12 -49.97 16.26
CA PRO A 158 -2.53 -49.62 16.01
C PRO A 158 -2.76 -48.13 16.24
N PHE A 159 -3.36 -47.48 15.24
CA PHE A 159 -3.61 -46.05 15.30
C PHE A 159 -4.62 -45.70 14.22
N THR A 160 -5.63 -44.91 14.59
CA THR A 160 -6.69 -44.50 13.67
C THR A 160 -6.93 -43.00 13.82
N ALA A 161 -6.64 -42.24 12.78
CA ALA A 161 -6.85 -40.80 12.83
C ALA A 161 -8.34 -40.47 12.73
N GLU A 162 -8.72 -39.36 13.36
CA GLU A 162 -10.12 -38.96 13.36
C GLU A 162 -10.57 -38.46 11.99
N TYR A 163 -9.67 -37.86 11.22
CA TYR A 163 -10.02 -37.29 9.92
C TYR A 163 -8.93 -37.62 8.92
N VAL A 164 -9.32 -38.24 7.81
CA VAL A 164 -8.40 -38.62 6.74
C VAL A 164 -8.90 -38.04 5.44
N VAL A 165 -8.01 -37.39 4.68
CA VAL A 165 -8.39 -36.80 3.41
C VAL A 165 -8.41 -37.85 2.31
N ALA A 166 -7.42 -38.74 2.27
CA ALA A 166 -7.33 -39.73 1.21
C ALA A 166 -6.47 -40.90 1.67
N ASP A 167 -6.71 -42.07 1.06
CA ASP A 167 -5.95 -43.27 1.32
C ASP A 167 -4.91 -43.49 0.24
N VAL A 168 -3.85 -44.21 0.60
CA VAL A 168 -2.76 -44.54 -0.32
C VAL A 168 -2.18 -45.89 0.09
N PRO A 169 -1.99 -46.82 -0.85
CA PRO A 169 -1.41 -48.13 -0.48
C PRO A 169 0.11 -48.11 -0.43
N ASN A 170 0.74 -49.26 -0.70
CA ASN A 170 2.18 -49.43 -0.57
C ASN A 170 2.85 -48.90 -1.83
N VAL A 171 2.93 -47.58 -1.92
CA VAL A 171 3.63 -46.90 -3.00
C VAL A 171 4.22 -45.60 -2.46
N PHE A 172 5.42 -45.25 -2.93
CA PHE A 172 6.07 -44.02 -2.52
C PHE A 172 5.53 -42.86 -3.35
N VAL A 173 5.00 -41.85 -2.67
CA VAL A 173 4.37 -40.71 -3.33
C VAL A 173 5.06 -39.42 -2.89
N VAL A 174 5.01 -38.42 -3.76
CA VAL A 174 5.53 -37.09 -3.48
C VAL A 174 4.48 -36.06 -3.88
N GLY A 175 4.79 -34.81 -3.62
CA GLY A 175 3.89 -33.71 -3.95
C GLY A 175 3.05 -33.28 -2.78
N TYR A 176 2.59 -32.03 -2.85
CA TYR A 176 1.74 -31.42 -1.82
C TYR A 176 2.43 -31.45 -0.46
N GLY A 177 3.74 -31.24 -0.45
CA GLY A 177 4.53 -31.26 0.75
C GLY A 177 5.33 -32.52 0.97
N LEU A 178 4.96 -33.61 0.30
CA LEU A 178 5.71 -34.86 0.43
C LEU A 178 6.95 -34.79 -0.46
N ASP A 179 8.11 -35.04 0.14
CA ASP A 179 9.38 -34.87 -0.53
C ASP A 179 10.05 -36.21 -0.79
N TYR A 180 10.96 -36.21 -1.78
CA TYR A 180 11.97 -37.24 -1.92
C TYR A 180 13.31 -36.54 -1.77
N ASP A 181 13.88 -36.62 -0.56
CA ASP A 181 15.13 -35.95 -0.21
C ASP A 181 15.03 -34.45 -0.47
N GLN A 182 14.09 -33.82 0.25
CA GLN A 182 13.90 -32.37 0.27
C GLN A 182 13.47 -31.80 -1.08
N SER A 183 13.00 -32.63 -2.00
CA SER A 183 12.60 -32.18 -3.32
C SER A 183 11.20 -32.69 -3.64
N TYR A 184 10.56 -32.01 -4.59
CA TYR A 184 9.22 -32.33 -5.10
C TYR A 184 8.11 -32.00 -4.12
N ARG A 185 8.37 -31.08 -3.18
CA ARG A 185 7.30 -30.57 -2.34
C ARG A 185 6.43 -29.54 -3.07
N GLU A 186 6.96 -28.94 -4.14
CA GLU A 186 6.23 -27.94 -4.92
C GLU A 186 5.21 -28.56 -5.86
N VAL A 187 5.18 -29.89 -5.98
CA VAL A 187 4.20 -30.53 -6.86
C VAL A 187 2.82 -30.39 -6.25
N ARG A 188 1.91 -29.77 -7.00
CA ARG A 188 0.57 -29.47 -6.49
C ARG A 188 -0.30 -30.71 -6.35
N ASP A 189 0.15 -31.86 -6.85
CA ASP A 189 -0.63 -33.09 -6.80
C ASP A 189 0.18 -34.20 -6.15
N VAL A 190 -0.53 -35.10 -5.45
CA VAL A 190 0.10 -36.26 -4.84
C VAL A 190 0.36 -37.29 -5.95
N VAL A 191 1.61 -37.44 -6.34
CA VAL A 191 1.99 -38.31 -7.46
C VAL A 191 2.97 -39.36 -6.97
N ILE A 192 2.94 -40.52 -7.62
CA ILE A 192 3.85 -41.61 -7.31
C ILE A 192 5.17 -41.35 -8.03
N LEU A 193 6.27 -41.31 -7.27
CA LEU A 193 7.56 -41.03 -7.87
C LEU A 193 8.02 -42.18 -8.75
N LYS A 194 8.58 -41.83 -9.91
CA LYS A 194 9.11 -42.82 -10.82
C LYS A 194 10.16 -43.67 -10.12
N PRO A 195 10.09 -45.01 -10.20
CA PRO A 195 11.04 -45.83 -9.43
C PRO A 195 12.50 -45.56 -9.73
N SER A 196 12.85 -45.24 -10.97
CA SER A 196 14.25 -44.99 -11.30
C SER A 196 14.77 -43.71 -10.66
N VAL A 197 13.88 -42.81 -10.22
CA VAL A 197 14.34 -41.57 -9.58
C VAL A 197 15.10 -41.90 -8.30
N TYR A 198 14.47 -42.66 -7.40
CA TYR A 198 15.19 -43.08 -6.19
C TYR A 198 16.13 -44.25 -6.45
N GLU A 199 16.05 -44.90 -7.61
CA GLU A 199 17.06 -45.86 -7.99
C GLU A 199 18.32 -45.20 -8.52
N THR A 200 18.16 -44.06 -9.21
CA THR A 200 19.33 -43.31 -9.69
C THR A 200 19.90 -42.42 -8.59
N TRP A 201 19.02 -41.81 -7.78
CA TRP A 201 19.47 -40.89 -6.74
C TRP A 201 19.91 -41.60 -5.46
N GLY A 202 19.46 -42.85 -5.24
CA GLY A 202 19.89 -43.57 -4.06
C GLY A 202 21.38 -43.85 -4.06
N LYS A 203 21.94 -44.12 -5.23
CA LYS A 203 23.37 -44.38 -5.36
C LYS A 203 24.15 -43.08 -5.52
N TYR B 13 -15.27 -8.61 6.16
CA TYR B 13 -14.80 -9.33 7.33
C TYR B 13 -15.28 -8.65 8.62
N ASP B 14 -15.69 -9.48 9.58
CA ASP B 14 -16.24 -8.99 10.83
C ASP B 14 -15.22 -8.22 11.66
N PHE B 15 -13.92 -8.47 11.45
CA PHE B 15 -12.88 -7.96 12.31
C PHE B 15 -11.96 -6.96 11.60
N ALA B 16 -12.35 -6.47 10.43
CA ALA B 16 -11.48 -5.62 9.62
C ALA B 16 -12.19 -4.35 9.23
N THR B 17 -11.43 -3.42 8.65
CA THR B 17 -11.96 -2.19 8.11
C THR B 17 -11.72 -2.02 6.62
N SER B 18 -10.77 -2.75 6.05
CA SER B 18 -10.47 -2.64 4.62
C SER B 18 -9.69 -3.88 4.19
N VAL B 19 -10.06 -4.44 3.05
CA VAL B 19 -9.34 -5.55 2.45
C VAL B 19 -8.28 -4.97 1.53
N LEU B 20 -7.02 -5.00 1.96
CA LEU B 20 -5.96 -4.38 1.18
C LEU B 20 -5.62 -5.21 -0.05
N PHE B 21 -5.50 -6.52 0.11
CA PHE B 21 -5.16 -7.41 -1.01
C PHE B 21 -5.89 -8.73 -0.82
N THR B 22 -6.74 -9.08 -1.78
CA THR B 22 -7.46 -10.34 -1.73
C THR B 22 -6.53 -11.49 -2.07
N GLU B 23 -7.07 -12.71 -1.98
CA GLU B 23 -6.29 -13.90 -2.31
C GLU B 23 -5.97 -13.96 -3.80
N ALA B 24 -6.91 -13.54 -4.64
CA ALA B 24 -6.69 -13.57 -6.09
C ALA B 24 -5.65 -12.54 -6.51
N GLU B 25 -5.64 -11.37 -5.86
CA GLU B 25 -4.65 -10.34 -6.18
C GLU B 25 -3.24 -10.83 -5.85
N LEU B 26 -3.07 -11.39 -4.65
CA LEU B 26 -1.75 -11.87 -4.24
C LEU B 26 -1.24 -12.97 -5.16
N HIS B 27 -2.13 -13.87 -5.57
CA HIS B 27 -1.73 -14.95 -6.48
C HIS B 27 -1.31 -14.39 -7.83
N THR B 28 -2.04 -13.39 -8.34
CA THR B 28 -1.65 -12.78 -9.60
C THR B 28 -0.30 -12.06 -9.48
N ARG B 29 -0.09 -11.38 -8.35
CA ARG B 29 1.19 -10.69 -8.15
C ARG B 29 2.34 -11.69 -8.04
N MET B 30 2.13 -12.80 -7.31
CA MET B 30 3.19 -13.79 -7.17
C MET B 30 3.49 -14.50 -8.48
N ARG B 31 2.50 -14.58 -9.39
CA ARG B 31 2.75 -15.17 -10.70
C ARG B 31 3.73 -14.33 -11.51
N GLY B 32 3.55 -13.01 -11.48
CA GLY B 32 4.51 -12.13 -12.14
C GLY B 32 5.88 -12.17 -11.49
N VAL B 33 5.90 -12.30 -10.16
CA VAL B 33 7.18 -12.44 -9.45
C VAL B 33 7.86 -13.75 -9.86
N ALA B 34 7.08 -14.80 -10.06
CA ALA B 34 7.65 -16.09 -10.46
C ALA B 34 8.25 -16.02 -11.86
N GLN B 35 7.61 -15.26 -12.77
CA GLN B 35 8.15 -15.11 -14.11
C GLN B 35 9.50 -14.41 -14.08
N ARG B 36 9.67 -13.43 -13.18
CA ARG B 36 10.95 -12.76 -13.05
C ARG B 36 11.99 -13.66 -12.39
N ILE B 37 11.58 -14.40 -11.36
CA ILE B 37 12.49 -15.33 -10.69
C ILE B 37 12.92 -16.43 -11.66
N ALA B 38 12.00 -16.89 -12.51
CA ALA B 38 12.33 -17.91 -13.49
C ALA B 38 13.33 -17.40 -14.52
N ASP B 39 13.35 -16.10 -14.77
CA ASP B 39 14.29 -15.51 -15.72
C ASP B 39 15.61 -15.13 -15.06
N ASP B 40 15.56 -14.60 -13.84
CA ASP B 40 16.79 -14.23 -13.14
C ASP B 40 17.61 -15.47 -12.77
N TYR B 41 16.96 -16.60 -12.56
CA TYR B 41 17.62 -17.87 -12.29
C TYR B 41 17.53 -18.82 -13.47
N SER B 42 17.47 -18.27 -14.68
CA SER B 42 17.32 -19.10 -15.87
C SER B 42 18.57 -19.95 -16.11
N ASN B 43 19.73 -19.31 -16.25
CA ASN B 43 20.99 -20.01 -16.48
C ASN B 43 21.70 -20.37 -15.19
N CYS B 44 20.96 -20.78 -14.17
CA CYS B 44 21.54 -21.31 -12.93
C CYS B 44 21.52 -22.82 -12.88
N ASN B 45 21.00 -23.48 -13.92
CA ASN B 45 20.91 -24.95 -13.99
C ASN B 45 20.12 -25.50 -12.79
N LEU B 46 18.98 -24.88 -12.52
CA LEU B 46 18.13 -25.33 -11.43
C LEU B 46 17.43 -26.63 -11.82
N LYS B 47 17.58 -27.66 -10.97
CA LYS B 47 16.97 -28.95 -11.23
C LYS B 47 16.77 -29.67 -9.91
N PRO B 48 15.69 -30.42 -9.73
CA PRO B 48 15.47 -31.12 -8.46
C PRO B 48 16.60 -32.07 -8.13
N LEU B 49 16.76 -32.33 -6.82
CA LEU B 49 17.77 -33.25 -6.28
C LEU B 49 19.19 -32.74 -6.51
N GLU B 50 19.56 -32.49 -7.77
CA GLU B 50 20.93 -32.08 -8.06
C GLU B 50 21.21 -30.66 -7.56
N ASN B 51 20.45 -29.67 -8.04
CA ASN B 51 20.67 -28.28 -7.66
C ASN B 51 19.34 -27.54 -7.70
N PRO B 52 18.54 -27.65 -6.63
CA PRO B 52 17.29 -26.91 -6.55
C PRO B 52 17.53 -25.49 -6.03
N LEU B 53 16.43 -24.77 -5.85
CA LEU B 53 16.47 -23.42 -5.27
C LEU B 53 16.13 -23.54 -3.78
N VAL B 54 17.12 -23.29 -2.93
CA VAL B 54 16.94 -23.46 -1.49
C VAL B 54 16.11 -22.30 -0.97
N ILE B 55 14.88 -22.60 -0.54
CA ILE B 55 13.97 -21.60 0.01
C ILE B 55 14.11 -21.65 1.53
N VAL B 56 14.52 -20.54 2.13
CA VAL B 56 14.67 -20.43 3.58
C VAL B 56 13.48 -19.61 4.08
N SER B 57 12.45 -20.30 4.58
CA SER B 57 11.28 -19.63 5.11
C SER B 57 11.55 -19.14 6.52
N VAL B 58 11.52 -17.82 6.71
CA VAL B 58 11.75 -17.19 8.00
C VAL B 58 10.41 -16.71 8.54
N LEU B 59 10.32 -16.63 9.87
CA LEU B 59 9.12 -16.23 10.62
C LEU B 59 8.04 -17.30 10.56
N LYS B 60 7.21 -17.34 11.60
CA LYS B 60 6.24 -18.44 11.76
C LYS B 60 5.11 -18.33 10.76
N GLY B 61 4.63 -17.12 10.48
CA GLY B 61 3.50 -16.92 9.61
C GLY B 61 3.77 -17.01 8.12
N SER B 62 5.01 -17.29 7.73
CA SER B 62 5.36 -17.33 6.31
C SER B 62 5.03 -18.66 5.65
N PHE B 63 4.53 -19.64 6.41
CA PHE B 63 4.22 -20.94 5.81
C PHE B 63 3.08 -20.85 4.81
N VAL B 64 2.17 -19.89 4.99
CA VAL B 64 1.12 -19.67 4.00
C VAL B 64 1.70 -19.10 2.72
N PHE B 65 2.53 -18.06 2.85
CA PHE B 65 3.16 -17.47 1.68
C PHE B 65 4.14 -18.44 1.02
N THR B 66 4.86 -19.22 1.83
CA THR B 66 5.82 -20.16 1.28
C THR B 66 5.13 -21.28 0.50
N ALA B 67 4.09 -21.88 1.09
CA ALA B 67 3.40 -22.97 0.42
C ALA B 67 2.79 -22.53 -0.91
N ASP B 68 2.33 -21.28 -1.00
CA ASP B 68 1.75 -20.79 -2.23
C ASP B 68 2.83 -20.36 -3.23
N MET B 69 3.85 -19.64 -2.75
CA MET B 69 4.90 -19.18 -3.66
C MET B 69 5.72 -20.34 -4.19
N VAL B 70 5.97 -21.36 -3.36
CA VAL B 70 6.76 -22.50 -3.79
C VAL B 70 6.04 -23.27 -4.89
N ARG B 71 4.72 -23.41 -4.77
CA ARG B 71 3.96 -24.11 -5.79
C ARG B 71 3.87 -23.29 -7.07
N ILE B 72 3.74 -21.96 -6.96
CA ILE B 72 3.73 -21.12 -8.15
C ILE B 72 5.09 -21.14 -8.82
N LEU B 73 6.17 -21.19 -8.04
CA LEU B 73 7.51 -21.30 -8.62
C LEU B 73 7.65 -22.61 -9.40
N GLY B 74 7.06 -23.70 -8.90
CA GLY B 74 7.13 -24.96 -9.62
C GLY B 74 6.37 -24.94 -10.93
N ASP B 75 5.31 -24.12 -11.01
CA ASP B 75 4.55 -24.02 -12.25
C ASP B 75 5.36 -23.33 -13.34
N PHE B 76 6.31 -22.48 -12.97
CA PHE B 76 7.15 -21.78 -13.93
C PHE B 76 8.50 -22.47 -14.15
N GLY B 77 8.65 -23.71 -13.68
CA GLY B 77 9.87 -24.45 -13.90
C GLY B 77 10.97 -24.16 -12.92
N VAL B 78 10.67 -23.57 -11.77
CA VAL B 78 11.67 -23.26 -10.75
C VAL B 78 11.56 -24.29 -9.63
N PRO B 79 12.43 -25.31 -9.60
CA PRO B 79 12.36 -26.29 -8.52
C PRO B 79 12.87 -25.71 -7.22
N THR B 80 12.26 -26.13 -6.12
CA THR B 80 12.52 -25.54 -4.81
C THR B 80 12.95 -26.59 -3.80
N ARG B 81 13.65 -26.12 -2.77
CA ARG B 81 13.99 -26.91 -1.59
C ARG B 81 13.71 -26.03 -0.38
N VAL B 82 12.84 -26.48 0.51
CA VAL B 82 12.30 -25.64 1.57
C VAL B 82 13.03 -25.91 2.87
N GLU B 83 13.46 -24.83 3.53
CA GLU B 83 14.00 -24.89 4.88
C GLU B 83 13.33 -23.80 5.71
N PHE B 84 13.06 -24.11 6.98
CA PHE B 84 12.34 -23.20 7.86
C PHE B 84 13.28 -22.65 8.92
N LEU B 85 12.94 -21.47 9.43
CA LEU B 85 13.79 -20.77 10.38
C LEU B 85 12.96 -20.18 11.53
N CYS B 108 25.07 -25.21 7.14
CA CYS B 108 24.23 -26.24 6.56
C CYS B 108 24.51 -26.41 5.07
N ASP B 109 23.63 -27.13 4.38
CA ASP B 109 23.78 -27.36 2.94
C ASP B 109 23.38 -26.10 2.17
N ILE B 110 23.96 -24.97 2.53
CA ILE B 110 23.72 -23.72 1.84
C ILE B 110 24.92 -23.31 0.98
N ARG B 111 26.13 -23.72 1.35
CA ARG B 111 27.34 -23.36 0.61
C ARG B 111 27.25 -23.80 -0.84
N GLY B 112 27.58 -22.89 -1.76
CA GLY B 112 27.60 -23.18 -3.17
C GLY B 112 26.27 -23.19 -3.87
N LYS B 113 25.16 -23.29 -3.13
CA LYS B 113 23.83 -23.36 -3.71
C LYS B 113 23.15 -22.00 -3.66
N HIS B 114 22.08 -21.87 -4.46
CA HIS B 114 21.35 -20.62 -4.56
C HIS B 114 20.25 -20.56 -3.50
N VAL B 115 20.23 -19.48 -2.73
CA VAL B 115 19.31 -19.32 -1.62
C VAL B 115 18.37 -18.16 -1.93
N LEU B 116 17.08 -18.35 -1.60
CA LEU B 116 16.07 -17.31 -1.71
C LEU B 116 15.29 -17.27 -0.41
N VAL B 117 15.28 -16.13 0.26
CA VAL B 117 14.65 -15.97 1.56
C VAL B 117 13.23 -15.46 1.37
N LEU B 118 12.28 -16.15 1.98
CA LEU B 118 10.87 -15.75 1.96
C LEU B 118 10.46 -15.29 3.35
N GLU B 119 9.81 -14.13 3.42
CA GLU B 119 9.30 -13.60 4.67
C GLU B 119 7.89 -13.09 4.44
N ASP B 120 6.99 -13.37 5.39
CA ASP B 120 5.59 -13.00 5.21
C ASP B 120 5.41 -11.49 5.15
N ILE B 121 6.10 -10.75 6.02
CA ILE B 121 6.02 -9.29 6.04
C ILE B 121 7.41 -8.72 6.26
N LEU B 122 7.66 -7.56 5.67
CA LEU B 122 8.92 -6.83 5.81
C LEU B 122 8.62 -5.45 6.32
N ASP B 123 9.03 -5.17 7.57
CA ASP B 123 8.77 -3.87 8.19
C ASP B 123 10.07 -3.15 8.52
N THR B 124 10.68 -3.50 9.65
CA THR B 124 11.89 -2.82 10.10
C THR B 124 13.15 -3.32 9.38
N ALA B 125 13.06 -4.44 8.67
CA ALA B 125 14.19 -5.07 7.99
C ALA B 125 15.32 -5.46 8.94
N LEU B 126 15.07 -5.44 10.26
CA LEU B 126 16.07 -5.91 11.21
C LEU B 126 16.13 -7.44 11.24
N THR B 127 14.97 -8.10 11.24
CA THR B 127 14.93 -9.55 11.22
C THR B 127 15.55 -10.11 9.95
N LEU B 128 15.24 -9.50 8.80
CA LEU B 128 15.71 -10.01 7.52
C LEU B 128 17.20 -9.74 7.31
N ARG B 129 17.69 -8.56 7.71
CA ARG B 129 19.10 -8.26 7.56
C ARG B 129 19.96 -9.20 8.40
N GLU B 130 19.47 -9.56 9.59
CA GLU B 130 20.18 -10.52 10.44
C GLU B 130 20.27 -11.88 9.75
N VAL B 131 19.20 -12.31 9.10
CA VAL B 131 19.19 -13.63 8.46
C VAL B 131 20.12 -13.62 7.24
N VAL B 132 20.03 -12.58 6.42
CA VAL B 132 20.86 -12.51 5.21
C VAL B 132 22.33 -12.49 5.57
N ASP B 133 22.70 -11.74 6.62
CA ASP B 133 24.08 -11.75 7.09
C ASP B 133 24.47 -13.10 7.65
N SER B 134 23.52 -13.82 8.26
CA SER B 134 23.82 -15.15 8.78
C SER B 134 23.97 -16.16 7.66
N LEU B 135 23.09 -16.10 6.66
CA LEU B 135 23.17 -17.05 5.55
C LEU B 135 24.39 -16.78 4.67
N LYS B 136 24.85 -15.53 4.61
CA LYS B 136 26.08 -15.23 3.87
C LYS B 136 27.33 -15.76 4.55
N LYS B 137 27.24 -16.14 5.83
CA LYS B 137 28.37 -16.78 6.50
C LYS B 137 28.67 -18.15 5.93
N SER B 138 27.70 -18.78 5.27
CA SER B 138 27.87 -20.11 4.69
C SER B 138 28.32 -20.08 3.25
N GLU B 139 28.55 -18.89 2.68
CA GLU B 139 29.05 -18.71 1.32
C GLU B 139 28.13 -19.34 0.28
N PRO B 140 26.93 -18.78 0.05
CA PRO B 140 26.08 -19.28 -1.03
C PRO B 140 26.50 -18.69 -2.38
N ALA B 141 26.06 -19.38 -3.43
CA ALA B 141 26.31 -18.87 -4.78
C ALA B 141 25.62 -17.55 -5.02
N SER B 142 24.35 -17.46 -4.62
CA SER B 142 23.59 -16.23 -4.68
C SER B 142 22.57 -16.23 -3.56
N ILE B 143 22.19 -15.04 -3.10
CA ILE B 143 21.20 -14.91 -2.05
C ILE B 143 20.37 -13.65 -2.27
N LYS B 144 19.06 -13.82 -2.37
CA LYS B 144 18.13 -12.71 -2.56
C LYS B 144 16.92 -12.94 -1.67
N THR B 145 16.08 -11.92 -1.55
CA THR B 145 14.94 -11.95 -0.66
C THR B 145 13.65 -11.68 -1.43
N LEU B 146 12.58 -12.35 -1.02
CA LEU B 146 11.25 -12.13 -1.59
C LEU B 146 10.27 -12.06 -0.43
N VAL B 147 9.53 -10.96 -0.35
CA VAL B 147 8.56 -10.72 0.72
C VAL B 147 7.17 -10.61 0.12
N ALA B 148 6.18 -11.12 0.86
CA ALA B 148 4.80 -11.02 0.42
C ALA B 148 4.24 -9.62 0.71
N ILE B 149 4.49 -9.11 1.91
CA ILE B 149 4.02 -7.79 2.32
C ILE B 149 5.25 -6.95 2.68
N ASP B 150 5.32 -5.75 2.14
CA ASP B 150 6.45 -4.86 2.38
C ASP B 150 5.95 -3.56 3.00
N LYS B 151 6.55 -3.17 4.11
CA LYS B 151 6.26 -1.88 4.73
C LYS B 151 7.48 -0.98 4.63
N PRO B 152 7.65 -0.25 3.52
CA PRO B 152 8.83 0.61 3.39
C PRO B 152 8.92 1.71 4.44
N GLY B 153 7.78 2.16 4.96
CA GLY B 153 7.77 3.23 5.93
C GLY B 153 8.04 2.77 7.36
N GLY B 154 8.62 1.59 7.51
CA GLY B 154 8.92 1.08 8.84
C GLY B 154 10.38 0.69 9.02
N ARG B 155 11.21 1.02 8.02
CA ARG B 155 12.61 0.63 8.04
C ARG B 155 13.36 1.36 9.14
N LYS B 156 13.94 0.60 10.07
CA LYS B 156 14.93 1.15 10.98
C LYS B 156 16.33 1.14 10.38
N ILE B 157 16.56 0.30 9.37
CA ILE B 157 17.82 0.30 8.63
C ILE B 157 17.51 0.19 7.15
N PRO B 158 18.36 0.78 6.31
CA PRO B 158 18.14 0.68 4.85
C PRO B 158 18.34 -0.74 4.36
N PHE B 159 17.34 -1.23 3.62
CA PHE B 159 17.35 -2.60 3.11
C PHE B 159 16.27 -2.78 2.05
N THR B 160 16.65 -3.11 0.83
CA THR B 160 15.73 -3.27 -0.29
C THR B 160 15.64 -4.74 -0.68
N ALA B 161 14.43 -5.27 -0.72
CA ALA B 161 14.22 -6.65 -1.14
C ALA B 161 14.17 -6.73 -2.66
N GLU B 162 14.72 -7.82 -3.21
CA GLU B 162 14.75 -7.99 -4.66
C GLU B 162 13.34 -8.08 -5.23
N TYR B 163 12.56 -9.05 -4.75
CA TYR B 163 11.22 -9.28 -5.24
C TYR B 163 10.21 -8.96 -4.15
N VAL B 164 9.18 -8.18 -4.49
CA VAL B 164 8.14 -7.78 -3.56
C VAL B 164 6.79 -8.10 -4.19
N VAL B 165 5.97 -8.87 -3.47
CA VAL B 165 4.63 -9.19 -3.96
C VAL B 165 3.74 -7.94 -3.93
N ALA B 166 3.53 -7.38 -2.73
CA ALA B 166 2.70 -6.21 -2.58
C ALA B 166 3.28 -5.31 -1.49
N ASP B 167 2.85 -4.05 -1.50
CA ASP B 167 3.28 -3.06 -0.53
C ASP B 167 2.09 -2.59 0.31
N VAL B 168 2.35 -2.30 1.57
CA VAL B 168 1.29 -1.91 2.51
C VAL B 168 1.77 -0.72 3.34
N PRO B 169 0.92 0.30 3.55
CA PRO B 169 1.33 1.44 4.38
C PRO B 169 1.53 1.08 5.85
N ASN B 170 1.77 2.08 6.70
CA ASN B 170 2.04 1.86 8.11
C ASN B 170 0.74 1.64 8.90
N VAL B 171 0.05 0.56 8.54
CA VAL B 171 -1.14 0.12 9.25
C VAL B 171 -0.96 -1.34 9.64
N PHE B 172 -1.53 -1.73 10.77
CA PHE B 172 -1.43 -3.11 11.23
C PHE B 172 -2.40 -3.98 10.46
N VAL B 173 -1.89 -5.02 9.81
CA VAL B 173 -2.70 -5.89 8.97
C VAL B 173 -2.57 -7.34 9.45
N VAL B 174 -3.61 -8.12 9.18
CA VAL B 174 -3.63 -9.55 9.48
C VAL B 174 -4.10 -10.29 8.24
N GLY B 175 -3.87 -11.59 8.25
CA GLY B 175 -4.28 -12.45 7.16
C GLY B 175 -3.10 -12.89 6.30
N TYR B 176 -3.33 -13.98 5.57
CA TYR B 176 -2.31 -14.59 4.70
C TYR B 176 -1.04 -14.91 5.49
N GLY B 177 -1.23 -15.47 6.68
CA GLY B 177 -0.14 -15.80 7.57
C GLY B 177 0.20 -14.74 8.59
N LEU B 178 -0.24 -13.50 8.38
CA LEU B 178 0.01 -12.43 9.33
C LEU B 178 -0.99 -12.50 10.48
N ASP B 179 -0.48 -12.53 11.71
CA ASP B 179 -1.28 -12.79 12.88
C ASP B 179 -1.39 -11.56 13.77
N TYR B 180 -2.43 -11.55 14.60
CA TYR B 180 -2.49 -10.70 15.79
C TYR B 180 -2.57 -11.63 16.99
N ASP B 181 -1.43 -11.88 17.62
CA ASP B 181 -1.32 -12.77 18.77
C ASP B 181 -1.87 -14.15 18.44
N GLN B 182 -1.26 -14.78 17.44
CA GLN B 182 -1.56 -16.16 17.05
C GLN B 182 -3.04 -16.34 16.70
N SER B 183 -3.52 -15.48 15.81
CA SER B 183 -4.90 -15.56 15.33
C SER B 183 -5.01 -14.79 14.03
N TYR B 184 -6.11 -15.02 13.32
CA TYR B 184 -6.42 -14.41 12.03
C TYR B 184 -5.37 -14.75 10.96
N ARG B 185 -4.64 -15.86 11.16
CA ARG B 185 -3.71 -16.30 10.13
C ARG B 185 -4.42 -17.01 8.99
N GLU B 186 -5.51 -17.71 9.28
CA GLU B 186 -6.26 -18.44 8.26
C GLU B 186 -7.07 -17.54 7.35
N VAL B 187 -7.04 -16.22 7.57
CA VAL B 187 -7.76 -15.30 6.70
C VAL B 187 -7.10 -15.29 5.33
N ARG B 188 -7.91 -15.48 4.28
CA ARG B 188 -7.38 -15.61 2.93
C ARG B 188 -6.90 -14.29 2.35
N ASP B 189 -7.23 -13.16 2.96
CA ASP B 189 -6.86 -11.85 2.44
C ASP B 189 -6.06 -11.07 3.48
N VAL B 190 -5.26 -10.13 2.98
CA VAL B 190 -4.53 -9.20 3.82
C VAL B 190 -5.46 -8.03 4.13
N VAL B 191 -5.89 -7.93 5.39
CA VAL B 191 -6.87 -6.92 5.80
C VAL B 191 -6.33 -6.14 6.99
N ILE B 192 -6.76 -4.90 7.10
CA ILE B 192 -6.41 -4.05 8.23
C ILE B 192 -7.23 -4.48 9.44
N LEU B 193 -6.55 -4.79 10.54
CA LEU B 193 -7.26 -5.24 11.74
C LEU B 193 -8.01 -4.09 12.38
N LYS B 194 -9.28 -4.33 12.70
CA LYS B 194 -10.10 -3.30 13.33
C LYS B 194 -9.52 -2.92 14.69
N PRO B 195 -9.45 -1.63 15.02
CA PRO B 195 -8.83 -1.25 16.31
C PRO B 195 -9.59 -1.76 17.52
N SER B 196 -10.92 -1.87 17.45
CA SER B 196 -11.67 -2.35 18.60
C SER B 196 -11.26 -3.76 19.01
N VAL B 197 -10.65 -4.52 18.11
CA VAL B 197 -10.21 -5.87 18.45
C VAL B 197 -8.99 -5.81 19.36
N TYR B 198 -7.89 -5.21 18.89
CA TYR B 198 -6.67 -5.20 19.67
C TYR B 198 -6.67 -4.17 20.79
N GLU B 199 -7.66 -3.28 20.83
CA GLU B 199 -7.81 -2.41 22.00
C GLU B 199 -8.54 -3.14 23.13
N THR B 200 -9.49 -4.01 22.78
CA THR B 200 -10.23 -4.78 23.78
C THR B 200 -9.41 -5.96 24.29
N TRP B 201 -8.61 -6.57 23.42
CA TRP B 201 -7.95 -7.85 23.73
C TRP B 201 -7.07 -7.78 24.99
N TYR C 13 17.40 34.50 -0.03
CA TYR C 13 17.42 34.29 -1.48
C TYR C 13 18.35 35.28 -2.16
N ASP C 14 19.39 34.78 -2.80
CA ASP C 14 20.39 35.63 -3.45
C ASP C 14 19.98 35.92 -4.90
N PHE C 15 18.80 36.52 -5.03
CA PHE C 15 18.33 37.25 -6.20
C PHE C 15 16.95 37.82 -5.91
N ALA C 16 16.74 38.19 -4.65
CA ALA C 16 15.52 38.89 -4.22
C ALA C 16 15.95 39.87 -3.12
N THR C 17 15.63 41.15 -3.31
CA THR C 17 16.23 42.18 -2.47
C THR C 17 15.68 42.20 -1.05
N SER C 18 14.51 41.59 -0.80
CA SER C 18 13.94 41.60 0.53
C SER C 18 12.89 40.50 0.63
N VAL C 19 12.61 40.10 1.87
CA VAL C 19 11.60 39.10 2.18
C VAL C 19 10.56 39.77 3.07
N LEU C 20 9.34 39.94 2.54
CA LEU C 20 8.31 40.65 3.28
C LEU C 20 7.60 39.74 4.28
N PHE C 21 7.24 38.52 3.86
CA PHE C 21 6.50 37.60 4.71
C PHE C 21 7.02 36.19 4.50
N THR C 22 7.30 35.50 5.60
CA THR C 22 7.69 34.10 5.56
C THR C 22 6.46 33.20 5.63
N GLU C 23 6.66 31.93 5.30
CA GLU C 23 5.57 30.96 5.45
C GLU C 23 5.13 30.84 6.89
N ALA C 24 6.04 31.07 7.85
CA ALA C 24 5.71 30.95 9.25
C ALA C 24 4.65 31.98 9.65
N GLU C 25 4.96 33.26 9.45
CA GLU C 25 4.02 34.31 9.83
C GLU C 25 2.77 34.29 8.94
N LEU C 26 2.93 33.94 7.66
CA LEU C 26 1.77 33.80 6.79
C LEU C 26 0.79 32.78 7.34
N HIS C 27 1.28 31.56 7.59
CA HIS C 27 0.42 30.53 8.18
C HIS C 27 -0.05 30.95 9.57
N THR C 28 0.79 31.67 10.32
CA THR C 28 0.36 32.20 11.60
C THR C 28 -0.75 33.22 11.42
N ARG C 29 -0.64 34.09 10.43
CA ARG C 29 -1.72 35.02 10.11
C ARG C 29 -2.96 34.27 9.67
N MET C 30 -2.81 33.24 8.85
CA MET C 30 -3.96 32.48 8.37
C MET C 30 -4.63 31.71 9.49
N ARG C 31 -3.84 31.16 10.42
CA ARG C 31 -4.42 30.49 11.57
C ARG C 31 -5.25 31.45 12.42
N GLY C 32 -4.86 32.73 12.46
CA GLY C 32 -5.69 33.73 13.10
C GLY C 32 -6.89 34.11 12.25
N VAL C 33 -6.73 34.11 10.93
CA VAL C 33 -7.85 34.38 10.04
C VAL C 33 -8.85 33.22 10.07
N ALA C 34 -8.36 31.98 9.99
CA ALA C 34 -9.23 30.82 10.06
C ALA C 34 -10.00 30.75 11.37
N GLN C 35 -9.50 31.36 12.43
CA GLN C 35 -10.20 31.33 13.72
C GLN C 35 -11.53 32.06 13.64
N ARG C 36 -11.51 33.33 13.23
CA ARG C 36 -12.75 34.10 13.16
C ARG C 36 -13.59 33.75 11.93
N ILE C 37 -13.00 33.11 10.92
CA ILE C 37 -13.82 32.55 9.84
C ILE C 37 -14.71 31.44 10.39
N ALA C 38 -14.18 30.61 11.28
CA ALA C 38 -14.99 29.61 11.97
C ALA C 38 -16.00 30.24 12.91
N ASP C 39 -15.77 31.48 13.34
CA ASP C 39 -16.73 32.22 14.16
C ASP C 39 -17.80 32.90 13.32
N ASP C 40 -17.42 33.53 12.20
CA ASP C 40 -18.38 34.23 11.35
C ASP C 40 -19.30 33.28 10.58
N TYR C 41 -19.04 31.97 10.61
CA TYR C 41 -19.86 31.00 9.90
C TYR C 41 -20.42 29.93 10.83
N SER C 42 -20.66 30.29 12.10
CA SER C 42 -21.12 29.30 13.07
C SER C 42 -22.58 28.92 12.82
N ASN C 43 -23.47 29.90 12.72
CA ASN C 43 -24.88 29.62 12.54
C ASN C 43 -25.21 29.31 11.08
N CYS C 44 -24.30 28.66 10.38
CA CYS C 44 -24.48 28.29 8.99
C CYS C 44 -24.66 26.80 8.76
N ASN C 45 -24.48 25.97 9.78
CA ASN C 45 -24.63 24.51 9.70
C ASN C 45 -23.71 23.94 8.61
N LEU C 46 -22.42 24.16 8.79
CA LEU C 46 -21.41 23.73 7.84
C LEU C 46 -21.00 22.30 8.15
N LYS C 47 -21.43 21.36 7.30
CA LYS C 47 -21.07 19.96 7.38
C LYS C 47 -20.56 19.49 6.03
N PRO C 48 -19.64 18.52 6.02
CA PRO C 48 -19.16 17.99 4.73
C PRO C 48 -20.32 17.41 3.91
N LEU C 49 -20.16 17.47 2.59
CA LEU C 49 -21.16 17.00 1.63
C LEU C 49 -22.47 17.76 1.75
N GLU C 50 -23.08 17.74 2.94
CA GLU C 50 -24.39 18.37 3.13
C GLU C 50 -24.33 19.87 2.84
N ASN C 51 -23.48 20.60 3.58
CA ASN C 51 -23.37 22.05 3.43
C ASN C 51 -21.92 22.48 3.63
N PRO C 52 -21.07 22.25 2.64
CA PRO C 52 -19.68 22.72 2.74
C PRO C 52 -19.58 24.19 2.35
N LEU C 53 -18.39 24.75 2.60
CA LEU C 53 -18.10 26.13 2.26
C LEU C 53 -17.45 26.16 0.88
N VAL C 54 -18.15 26.75 -0.08
CA VAL C 54 -17.67 26.78 -1.47
C VAL C 54 -16.54 27.79 -1.56
N ILE C 55 -15.33 27.31 -1.86
CA ILE C 55 -14.16 28.16 -2.04
C ILE C 55 -13.94 28.37 -3.54
N VAL C 56 -13.86 29.63 -3.94
CA VAL C 56 -13.63 30.00 -5.34
C VAL C 56 -12.23 30.57 -5.44
N SER C 57 -11.38 29.92 -6.23
CA SER C 57 -9.97 30.29 -6.37
C SER C 57 -9.79 31.01 -7.70
N VAL C 58 -9.66 32.34 -7.65
CA VAL C 58 -9.43 33.15 -8.83
C VAL C 58 -7.94 33.21 -9.11
N LEU C 59 -7.59 33.45 -10.38
CA LEU C 59 -6.22 33.61 -10.85
C LEU C 59 -5.45 32.29 -10.80
N LYS C 60 -4.47 32.14 -11.70
CA LYS C 60 -3.66 30.92 -11.73
C LYS C 60 -2.77 30.81 -10.51
N GLY C 61 -2.26 31.93 -10.01
CA GLY C 61 -1.28 31.91 -8.94
C GLY C 61 -1.83 31.89 -7.53
N SER C 62 -3.10 31.52 -7.37
CA SER C 62 -3.72 31.43 -6.05
C SER C 62 -3.85 29.99 -5.57
N PHE C 63 -3.28 29.02 -6.31
CA PHE C 63 -3.42 27.63 -5.93
C PHE C 63 -2.60 27.30 -4.70
N VAL C 64 -1.49 28.01 -4.47
CA VAL C 64 -0.70 27.80 -3.27
C VAL C 64 -1.47 28.28 -2.03
N PHE C 65 -1.99 29.50 -2.10
CA PHE C 65 -2.79 30.03 -1.01
C PHE C 65 -4.06 29.20 -0.81
N THR C 66 -4.65 28.71 -1.91
CA THR C 66 -5.82 27.86 -1.79
C THR C 66 -5.48 26.53 -1.14
N ALA C 67 -4.31 25.96 -1.47
CA ALA C 67 -3.93 24.68 -0.90
C ALA C 67 -3.67 24.78 0.60
N ASP C 68 -2.96 25.83 1.02
CA ASP C 68 -2.64 25.97 2.43
C ASP C 68 -3.86 26.35 3.25
N MET C 69 -4.69 27.27 2.73
CA MET C 69 -5.75 27.85 3.54
C MET C 69 -6.86 26.84 3.82
N VAL C 70 -7.23 26.04 2.82
CA VAL C 70 -8.30 25.07 3.04
C VAL C 70 -7.87 24.01 4.05
N ARG C 71 -6.57 23.71 4.12
CA ARG C 71 -6.10 22.75 5.12
C ARG C 71 -6.11 23.37 6.51
N ILE C 72 -5.74 24.65 6.61
CA ILE C 72 -5.80 25.33 7.90
C ILE C 72 -7.25 25.48 8.37
N LEU C 73 -8.15 25.82 7.44
CA LEU C 73 -9.58 25.94 7.79
C LEU C 73 -10.15 24.62 8.29
N GLY C 74 -9.72 23.50 7.71
CA GLY C 74 -10.12 22.17 8.20
C GLY C 74 -9.80 21.90 9.65
N ASP C 75 -8.74 22.52 10.19
CA ASP C 75 -8.39 22.37 11.60
C ASP C 75 -9.32 23.15 12.53
N PHE C 76 -10.03 24.15 12.01
CA PHE C 76 -10.95 24.96 12.78
C PHE C 76 -12.41 24.59 12.56
N GLY C 77 -12.66 23.44 11.94
CA GLY C 77 -14.03 23.00 11.73
C GLY C 77 -14.73 23.66 10.56
N VAL C 78 -14.01 23.99 9.51
CA VAL C 78 -14.60 24.63 8.33
C VAL C 78 -14.49 23.67 7.14
N PRO C 79 -15.53 22.88 6.86
CA PRO C 79 -15.49 22.00 5.69
C PRO C 79 -15.62 22.80 4.41
N THR C 80 -14.63 22.69 3.54
CA THR C 80 -14.55 23.51 2.33
C THR C 80 -14.81 22.67 1.09
N ARG C 81 -15.15 23.37 0.01
CA ARG C 81 -15.25 22.80 -1.33
C ARG C 81 -14.61 23.77 -2.29
N VAL C 82 -13.78 23.26 -3.19
CA VAL C 82 -12.93 24.10 -4.03
C VAL C 82 -13.50 24.17 -5.43
N GLU C 83 -13.44 25.37 -6.03
CA GLU C 83 -13.74 25.60 -7.43
C GLU C 83 -12.73 26.59 -7.98
N PHE C 84 -12.21 26.31 -9.17
CA PHE C 84 -11.16 27.11 -9.77
C PHE C 84 -11.70 27.89 -10.96
N LEU C 85 -11.25 29.14 -11.10
CA LEU C 85 -11.67 30.01 -12.18
C LEU C 85 -10.54 30.21 -13.20
N ARG C 111 -25.45 27.66 -5.99
CA ARG C 111 -26.43 28.68 -5.65
C ARG C 111 -26.42 29.00 -4.16
N GLY C 112 -27.57 28.80 -3.50
CA GLY C 112 -27.78 29.20 -2.12
C GLY C 112 -26.82 28.62 -1.09
N LYS C 113 -25.57 28.39 -1.48
CA LYS C 113 -24.54 27.96 -0.55
C LYS C 113 -23.74 29.16 -0.07
N HIS C 114 -22.84 28.92 0.87
CA HIS C 114 -21.95 29.95 1.37
C HIS C 114 -20.66 29.94 0.55
N VAL C 115 -20.28 31.11 0.04
CA VAL C 115 -19.16 31.25 -0.88
C VAL C 115 -18.09 32.12 -0.23
N LEU C 116 -16.84 31.65 -0.28
CA LEU C 116 -15.69 32.43 0.14
C LEU C 116 -14.70 32.47 -1.01
N VAL C 117 -14.46 33.66 -1.54
CA VAL C 117 -13.59 33.83 -2.71
C VAL C 117 -12.17 34.06 -2.25
N LEU C 118 -11.23 33.29 -2.81
CA LEU C 118 -9.82 33.38 -2.47
C LEU C 118 -9.04 33.91 -3.65
N GLU C 119 -8.20 34.92 -3.40
CA GLU C 119 -7.33 35.49 -4.41
C GLU C 119 -5.99 35.83 -3.76
N ASP C 120 -4.89 35.48 -4.44
CA ASP C 120 -3.58 35.60 -3.82
C ASP C 120 -3.21 37.05 -3.56
N ILE C 121 -3.53 37.95 -4.49
CA ILE C 121 -3.22 39.36 -4.33
C ILE C 121 -4.41 40.19 -4.77
N LEU C 122 -4.63 41.31 -4.08
CA LEU C 122 -5.73 42.25 -4.37
C LEU C 122 -5.11 43.63 -4.53
N ASP C 123 -4.96 44.08 -5.79
CA ASP C 123 -4.34 45.36 -6.06
C ASP C 123 -5.41 46.30 -6.58
N THR C 124 -5.68 46.32 -7.89
CA THR C 124 -6.66 47.26 -8.44
C THR C 124 -8.09 46.92 -8.06
N ALA C 125 -8.34 45.69 -7.61
CA ALA C 125 -9.65 45.17 -7.23
C ALA C 125 -10.62 45.07 -8.40
N LEU C 126 -10.15 45.23 -9.64
CA LEU C 126 -11.02 45.10 -10.79
C LEU C 126 -11.36 43.64 -11.08
N THR C 127 -10.39 42.74 -10.90
CA THR C 127 -10.65 41.32 -11.13
C THR C 127 -11.59 40.76 -10.07
N LEU C 128 -11.36 41.11 -8.80
CA LEU C 128 -12.15 40.51 -7.73
C LEU C 128 -13.57 41.05 -7.69
N ARG C 129 -13.76 42.33 -8.06
CA ARG C 129 -15.11 42.89 -8.04
C ARG C 129 -15.98 42.30 -9.14
N GLU C 130 -15.40 42.05 -10.32
CA GLU C 130 -16.15 41.44 -11.40
C GLU C 130 -16.42 39.97 -11.16
N VAL C 131 -15.74 39.34 -10.21
CA VAL C 131 -16.04 37.97 -9.84
C VAL C 131 -17.19 37.92 -8.84
N VAL C 132 -17.17 38.79 -7.83
CA VAL C 132 -18.22 38.80 -6.81
C VAL C 132 -19.58 39.09 -7.45
N ASP C 133 -19.63 40.08 -8.32
CA ASP C 133 -20.89 40.41 -8.99
C ASP C 133 -21.33 39.29 -9.92
N SER C 134 -20.37 38.63 -10.59
CA SER C 134 -20.70 37.50 -11.43
C SER C 134 -21.07 36.25 -10.64
N LEU C 135 -20.83 36.25 -9.33
CA LEU C 135 -21.29 35.19 -8.45
C LEU C 135 -22.60 35.53 -7.74
N LYS C 136 -22.88 36.82 -7.55
CA LYS C 136 -24.17 37.22 -6.99
C LYS C 136 -25.33 36.83 -7.89
N LYS C 137 -25.08 36.74 -9.21
CA LYS C 137 -26.14 36.35 -10.14
C LYS C 137 -26.55 34.90 -9.93
N SER C 138 -25.62 34.05 -9.47
CA SER C 138 -25.98 32.69 -9.08
C SER C 138 -26.74 32.65 -7.76
N GLU C 139 -26.93 33.80 -7.10
CA GLU C 139 -27.74 33.94 -5.90
C GLU C 139 -27.25 33.04 -4.78
N PRO C 140 -26.06 33.28 -4.23
CA PRO C 140 -25.59 32.48 -3.10
C PRO C 140 -26.17 32.99 -1.79
N ALA C 141 -26.06 32.16 -0.75
CA ALA C 141 -26.50 32.56 0.58
C ALA C 141 -25.72 33.75 1.08
N SER C 142 -24.39 33.69 0.96
CA SER C 142 -23.52 34.80 1.32
C SER C 142 -22.22 34.64 0.55
N ILE C 143 -21.54 35.75 0.30
CA ILE C 143 -20.27 35.75 -0.41
C ILE C 143 -19.33 36.75 0.26
N LYS C 144 -18.22 36.24 0.77
CA LYS C 144 -17.14 37.06 1.31
C LYS C 144 -15.86 36.76 0.53
N THR C 145 -14.84 37.58 0.75
CA THR C 145 -13.57 37.45 0.05
C THR C 145 -12.43 37.34 1.05
N LEU C 146 -11.51 36.42 0.77
CA LEU C 146 -10.29 36.25 1.55
C LEU C 146 -9.10 36.42 0.63
N VAL C 147 -8.25 37.39 0.93
CA VAL C 147 -7.08 37.70 0.12
C VAL C 147 -5.83 37.46 0.95
N ALA C 148 -4.81 36.87 0.33
CA ALA C 148 -3.54 36.65 1.02
C ALA C 148 -2.71 37.93 1.08
N ILE C 149 -2.65 38.67 -0.02
CA ILE C 149 -1.88 39.90 -0.11
C ILE C 149 -2.83 41.01 -0.54
N ASP C 150 -3.19 41.89 0.39
CA ASP C 150 -4.00 43.05 0.07
C ASP C 150 -3.07 44.22 -0.25
N LYS C 151 -3.25 44.80 -1.44
CA LYS C 151 -2.43 45.90 -1.94
C LYS C 151 -3.33 47.11 -2.08
N PRO C 152 -3.66 47.78 -0.99
CA PRO C 152 -4.64 48.87 -1.05
C PRO C 152 -4.19 50.10 -1.82
N GLY C 153 -2.92 50.21 -2.18
CA GLY C 153 -2.45 51.43 -2.83
C GLY C 153 -2.90 51.54 -4.27
N GLY C 154 -2.67 50.47 -5.04
CA GLY C 154 -2.95 50.49 -6.45
C GLY C 154 -4.40 50.22 -6.77
N ARG C 155 -5.31 50.47 -5.82
CA ARG C 155 -6.72 50.21 -6.04
C ARG C 155 -7.33 51.27 -6.95
N LYS C 156 -8.30 50.82 -7.77
CA LYS C 156 -8.97 51.71 -8.70
C LYS C 156 -10.47 51.86 -8.43
N ILE C 157 -11.08 50.92 -7.72
CA ILE C 157 -12.48 51.04 -7.31
C ILE C 157 -12.58 50.66 -5.84
N PRO C 158 -13.41 51.37 -5.05
CA PRO C 158 -13.52 51.04 -3.62
C PRO C 158 -13.94 49.60 -3.37
N PHE C 159 -13.03 48.82 -2.77
CA PHE C 159 -13.30 47.42 -2.46
C PHE C 159 -12.61 47.08 -1.14
N THR C 160 -13.29 46.28 -0.32
CA THR C 160 -12.76 45.89 0.98
C THR C 160 -13.02 44.41 1.18
N ALA C 161 -11.95 43.64 1.37
CA ALA C 161 -12.07 42.21 1.63
C ALA C 161 -12.41 41.96 3.09
N GLU C 162 -13.28 40.99 3.34
CA GLU C 162 -13.67 40.67 4.70
C GLU C 162 -12.53 40.07 5.51
N TYR C 163 -11.55 39.45 4.85
CA TYR C 163 -10.44 38.82 5.55
C TYR C 163 -9.16 39.07 4.77
N VAL C 164 -8.22 39.79 5.39
CA VAL C 164 -6.93 40.12 4.79
C VAL C 164 -5.84 39.43 5.61
N VAL C 165 -4.95 38.73 4.92
CA VAL C 165 -3.83 38.08 5.60
C VAL C 165 -2.70 39.07 5.85
N ALA C 166 -2.27 39.79 4.81
CA ALA C 166 -1.15 40.70 4.94
C ALA C 166 -1.32 41.87 3.98
N ASP C 167 -0.77 43.02 4.37
CA ASP C 167 -0.80 44.23 3.56
C ASP C 167 0.57 44.48 2.94
N VAL C 168 0.59 44.92 1.69
CA VAL C 168 1.83 45.23 0.98
C VAL C 168 1.67 46.58 0.29
N PRO C 169 2.63 47.49 0.42
CA PRO C 169 2.57 48.75 -0.33
C PRO C 169 2.85 48.57 -1.81
N ASN C 170 3.07 49.67 -2.53
CA ASN C 170 3.29 49.64 -3.97
C ASN C 170 4.70 49.10 -4.25
N VAL C 171 4.84 47.78 -4.14
CA VAL C 171 6.06 47.08 -4.55
C VAL C 171 5.65 45.79 -5.26
N PHE C 172 6.39 45.45 -6.30
CA PHE C 172 6.14 44.21 -7.03
C PHE C 172 6.77 43.04 -6.28
N VAL C 173 5.95 42.09 -5.87
CA VAL C 173 6.40 40.97 -5.05
C VAL C 173 6.13 39.66 -5.80
N VAL C 174 6.92 38.65 -5.45
CA VAL C 174 6.76 37.30 -5.97
C VAL C 174 6.80 36.32 -4.80
N GLY C 175 6.41 35.09 -5.07
CA GLY C 175 6.43 34.04 -4.08
C GLY C 175 5.04 33.72 -3.55
N TYR C 176 4.91 32.50 -3.04
CA TYR C 176 3.65 32.00 -2.49
C TYR C 176 2.52 32.09 -3.53
N GLY C 177 2.85 31.77 -4.78
CA GLY C 177 1.92 31.81 -5.88
C GLY C 177 2.07 33.04 -6.76
N LEU C 178 2.55 34.14 -6.21
CA LEU C 178 2.78 35.35 -7.01
C LEU C 178 3.93 35.12 -7.96
N ASP C 179 3.71 35.42 -9.24
CA ASP C 179 4.67 35.12 -10.29
C ASP C 179 5.33 36.38 -10.83
N TYR C 180 6.46 36.18 -11.51
CA TYR C 180 7.01 37.15 -12.44
C TYR C 180 7.24 36.40 -13.75
N ASP C 181 6.35 36.61 -14.71
CA ASP C 181 6.39 35.90 -16.00
C ASP C 181 6.42 34.39 -15.77
N GLN C 182 5.43 33.92 -15.00
CA GLN C 182 5.21 32.49 -14.74
C GLN C 182 6.39 31.84 -14.00
N SER C 183 7.16 32.62 -13.25
CA SER C 183 8.27 32.09 -12.47
C SER C 183 8.19 32.61 -11.05
N TYR C 184 8.97 31.98 -10.16
CA TYR C 184 9.07 32.32 -8.74
C TYR C 184 7.77 32.08 -7.98
N ARG C 185 6.86 31.28 -8.54
CA ARG C 185 5.67 30.89 -7.78
C ARG C 185 6.00 29.92 -6.67
N GLU C 186 7.05 29.11 -6.85
CA GLU C 186 7.46 28.13 -5.86
C GLU C 186 8.23 28.75 -4.70
N VAL C 187 8.52 30.05 -4.75
CA VAL C 187 9.19 30.71 -3.64
C VAL C 187 8.26 30.70 -2.43
N ARG C 188 8.74 30.10 -1.34
CA ARG C 188 7.88 29.90 -0.17
C ARG C 188 7.48 31.22 0.49
N ASP C 189 8.37 32.20 0.48
CA ASP C 189 8.13 33.47 1.15
C ASP C 189 7.69 34.53 0.17
N VAL C 190 6.79 35.41 0.61
CA VAL C 190 6.38 36.55 -0.19
C VAL C 190 7.53 37.55 -0.20
N VAL C 191 8.32 37.53 -1.27
CA VAL C 191 9.52 38.35 -1.35
C VAL C 191 9.36 39.39 -2.44
N ILE C 192 10.11 40.47 -2.32
CA ILE C 192 10.20 41.48 -3.35
C ILE C 192 11.31 41.07 -4.32
N LEU C 193 10.95 40.93 -5.59
CA LEU C 193 11.94 40.54 -6.59
C LEU C 193 12.85 41.72 -6.91
N LYS C 194 14.11 41.41 -7.17
CA LYS C 194 15.07 42.46 -7.51
C LYS C 194 14.65 43.15 -8.81
N PRO C 195 14.82 44.47 -8.90
CA PRO C 195 14.56 45.15 -10.18
C PRO C 195 15.60 44.84 -11.24
N SER C 196 16.69 44.15 -10.89
CA SER C 196 17.73 43.79 -11.84
C SER C 196 17.31 42.66 -12.77
N VAL C 197 16.08 42.18 -12.69
CA VAL C 197 15.59 41.13 -13.58
C VAL C 197 14.18 41.47 -14.04
N TYR C 198 13.62 42.54 -13.49
CA TYR C 198 12.27 42.98 -13.86
C TYR C 198 12.28 43.58 -15.27
N CYS D 11 -6.69 6.70 13.95
CA CYS D 11 -7.70 7.33 13.12
C CYS D 11 -8.63 8.20 13.97
N LYS D 12 -8.30 9.49 14.04
CA LYS D 12 -9.14 10.46 14.75
C LYS D 12 -10.27 11.01 13.88
N TYR D 13 -10.21 10.82 12.57
CA TYR D 13 -11.25 11.31 11.68
C TYR D 13 -12.52 10.46 11.84
N ASP D 14 -13.62 11.09 12.23
CA ASP D 14 -14.89 10.38 12.41
C ASP D 14 -15.48 9.90 11.09
N PHE D 15 -14.83 10.17 9.96
CA PHE D 15 -15.32 9.78 8.65
C PHE D 15 -14.44 8.74 7.98
N ALA D 16 -13.39 8.26 8.63
CA ALA D 16 -12.44 7.34 8.03
C ALA D 16 -12.29 6.08 8.88
N THR D 17 -11.69 5.07 8.27
CA THR D 17 -11.39 3.83 8.99
C THR D 17 -9.95 3.82 9.48
N SER D 18 -9.00 4.07 8.57
CA SER D 18 -7.59 4.08 8.90
C SER D 18 -6.88 5.15 8.10
N VAL D 19 -5.78 5.66 8.67
CA VAL D 19 -4.97 6.68 8.03
C VAL D 19 -3.83 5.98 7.30
N LEU D 20 -3.86 6.04 5.97
CA LEU D 20 -2.85 5.34 5.17
C LEU D 20 -1.53 6.10 5.16
N PHE D 21 -1.56 7.38 4.80
CA PHE D 21 -0.37 8.22 4.73
C PHE D 21 -0.64 9.56 5.39
N THR D 22 0.23 9.95 6.31
CA THR D 22 0.10 11.24 6.98
C THR D 22 0.75 12.34 6.15
N GLU D 23 0.49 13.58 6.55
CA GLU D 23 1.07 14.72 5.84
C GLU D 23 2.58 14.77 6.00
N ALA D 24 3.08 14.48 7.20
CA ALA D 24 4.53 14.43 7.41
C ALA D 24 5.16 13.29 6.64
N GLU D 25 4.42 12.19 6.44
CA GLU D 25 4.96 11.07 5.69
C GLU D 25 5.05 11.38 4.20
N LEU D 26 4.02 12.03 3.65
CA LEU D 26 4.03 12.40 2.24
C LEU D 26 5.07 13.49 1.96
N HIS D 27 5.22 14.43 2.89
CA HIS D 27 6.23 15.48 2.72
C HIS D 27 7.64 14.90 2.74
N THR D 28 7.84 13.81 3.49
CA THR D 28 9.15 13.16 3.48
C THR D 28 9.41 12.42 2.18
N ARG D 29 8.39 11.73 1.66
CA ARG D 29 8.56 11.01 0.40
C ARG D 29 8.78 11.97 -0.76
N MET D 30 8.05 13.08 -0.80
CA MET D 30 8.21 14.05 -1.87
C MET D 30 9.59 14.69 -1.85
N ARG D 31 10.19 14.81 -0.67
CA ARG D 31 11.55 15.33 -0.58
C ARG D 31 12.54 14.39 -1.25
N GLY D 32 12.42 13.09 -0.98
CA GLY D 32 13.28 12.12 -1.65
C GLY D 32 13.06 12.08 -3.15
N VAL D 33 11.83 12.36 -3.60
CA VAL D 33 11.57 12.43 -5.03
C VAL D 33 12.18 13.69 -5.63
N ALA D 34 12.07 14.82 -4.92
CA ALA D 34 12.62 16.07 -5.41
C ALA D 34 14.13 15.99 -5.59
N GLN D 35 14.81 15.20 -4.75
CA GLN D 35 16.24 14.97 -4.94
C GLN D 35 16.48 14.09 -6.16
N ARG D 36 15.67 13.05 -6.33
CA ARG D 36 15.74 12.23 -7.54
C ARG D 36 15.43 13.04 -8.79
N ILE D 37 14.53 14.01 -8.69
CA ILE D 37 14.22 14.87 -9.83
C ILE D 37 15.36 15.85 -10.08
N ALA D 38 15.93 16.42 -9.02
CA ALA D 38 17.01 17.39 -9.19
C ALA D 38 18.23 16.78 -9.85
N ASP D 39 18.43 15.47 -9.69
CA ASP D 39 19.54 14.78 -10.34
C ASP D 39 19.18 14.33 -11.76
N ASP D 40 17.98 13.79 -11.95
CA ASP D 40 17.54 13.42 -13.29
C ASP D 40 17.39 14.64 -14.19
N TYR D 41 17.21 15.83 -13.62
CA TYR D 41 17.18 17.08 -14.36
C TYR D 41 18.39 17.95 -14.04
N SER D 42 19.48 17.35 -13.53
CA SER D 42 20.69 18.09 -13.21
C SER D 42 21.36 18.62 -14.46
N ASN D 43 21.99 17.73 -15.24
CA ASN D 43 22.67 18.13 -16.47
C ASN D 43 21.65 18.60 -17.51
N CYS D 44 20.78 19.53 -17.08
CA CYS D 44 19.81 20.18 -17.94
C CYS D 44 19.80 21.68 -17.74
N ASN D 45 20.48 22.19 -16.71
CA ASN D 45 20.59 23.60 -16.36
C ASN D 45 19.23 24.29 -16.42
N LEU D 46 18.41 24.05 -15.40
CA LEU D 46 17.10 24.70 -15.30
C LEU D 46 17.24 26.02 -14.58
N LYS D 47 16.69 27.08 -15.17
CA LYS D 47 16.79 28.43 -14.63
C LYS D 47 15.40 29.04 -14.53
N PRO D 48 15.17 29.90 -13.54
CA PRO D 48 13.95 30.71 -13.54
C PRO D 48 13.89 31.56 -14.80
N LEU D 49 12.67 31.80 -15.29
CA LEU D 49 12.42 32.61 -16.47
C LEU D 49 13.00 31.99 -17.73
N GLU D 50 14.33 31.85 -17.79
CA GLU D 50 14.99 31.44 -19.03
C GLU D 50 14.65 30.00 -19.39
N ASN D 51 14.93 29.05 -18.49
CA ASN D 51 14.76 27.63 -18.77
C ASN D 51 14.14 26.95 -17.55
N PRO D 52 12.84 27.10 -17.35
CA PRO D 52 12.18 26.48 -16.20
C PRO D 52 11.58 25.12 -16.56
N LEU D 53 11.21 24.38 -15.52
CA LEU D 53 10.55 23.09 -15.68
C LEU D 53 9.04 23.30 -15.70
N VAL D 54 8.39 22.87 -16.77
CA VAL D 54 6.95 23.08 -16.93
C VAL D 54 6.21 22.01 -16.14
N ILE D 55 5.45 22.45 -15.14
CA ILE D 55 4.62 21.56 -14.32
C ILE D 55 3.20 21.66 -14.86
N VAL D 56 2.71 20.56 -15.44
CA VAL D 56 1.35 20.49 -15.96
C VAL D 56 0.50 19.80 -14.89
N SER D 57 -0.16 20.58 -14.06
CA SER D 57 -1.04 20.04 -13.03
C SER D 57 -2.36 19.64 -13.64
N VAL D 58 -2.67 18.35 -13.60
CA VAL D 58 -3.89 17.82 -14.19
C VAL D 58 -4.87 17.50 -13.05
N LEU D 59 -6.11 17.16 -13.42
CA LEU D 59 -7.19 16.90 -12.49
C LEU D 59 -7.49 18.13 -11.63
N LYS D 60 -8.32 17.95 -10.60
CA LYS D 60 -8.73 19.06 -9.75
C LYS D 60 -8.16 18.99 -8.34
N GLY D 61 -7.80 17.81 -7.86
CA GLY D 61 -7.21 17.66 -6.55
C GLY D 61 -5.69 17.73 -6.51
N SER D 62 -5.05 18.05 -7.62
CA SER D 62 -3.59 18.14 -7.66
C SER D 62 -3.06 19.48 -7.16
N PHE D 63 -3.94 20.46 -6.90
CA PHE D 63 -3.47 21.76 -6.45
C PHE D 63 -2.83 21.67 -5.07
N VAL D 64 -3.36 20.80 -4.20
CA VAL D 64 -2.69 20.52 -2.94
C VAL D 64 -1.35 19.84 -3.19
N PHE D 65 -1.32 18.92 -4.16
CA PHE D 65 -0.08 18.20 -4.45
C PHE D 65 0.91 19.10 -5.20
N THR D 66 0.41 19.94 -6.11
CA THR D 66 1.30 20.78 -6.90
C THR D 66 1.92 21.88 -6.04
N ALA D 67 1.11 22.54 -5.23
CA ALA D 67 1.62 23.64 -4.40
C ALA D 67 2.69 23.16 -3.44
N ASP D 68 2.55 21.94 -2.91
CA ASP D 68 3.55 21.39 -2.01
C ASP D 68 4.76 20.87 -2.78
N MET D 69 4.55 20.30 -3.96
CA MET D 69 5.65 19.68 -4.69
C MET D 69 6.57 20.74 -5.30
N VAL D 70 6.00 21.79 -5.91
CA VAL D 70 6.84 22.81 -6.54
C VAL D 70 7.64 23.57 -5.49
N ARG D 71 7.10 23.73 -4.28
CA ARG D 71 7.85 24.36 -3.20
C ARG D 71 8.92 23.43 -2.64
N ILE D 72 8.73 22.12 -2.74
CA ILE D 72 9.78 21.19 -2.37
C ILE D 72 10.81 21.07 -3.49
N LEU D 73 10.36 21.10 -4.74
CA LEU D 73 11.30 21.12 -5.86
C LEU D 73 12.17 22.37 -5.81
N GLY D 74 11.59 23.51 -5.41
CA GLY D 74 12.35 24.74 -5.35
C GLY D 74 13.46 24.70 -4.30
N ASP D 75 13.23 24.00 -3.19
CA ASP D 75 14.26 23.84 -2.18
C ASP D 75 15.44 23.02 -2.69
N PHE D 76 15.23 22.13 -3.67
CA PHE D 76 16.29 21.32 -4.27
C PHE D 76 16.84 21.93 -5.56
N GLY D 77 16.60 23.21 -5.79
CA GLY D 77 17.12 23.87 -6.97
C GLY D 77 16.42 23.51 -8.26
N VAL D 78 15.15 23.16 -8.21
CA VAL D 78 14.38 22.84 -9.40
C VAL D 78 13.36 23.94 -9.66
N PRO D 79 13.64 24.90 -10.54
CA PRO D 79 12.66 25.95 -10.84
C PRO D 79 11.53 25.40 -11.68
N THR D 80 10.32 25.91 -11.42
CA THR D 80 9.12 25.37 -12.02
C THR D 80 8.25 26.47 -12.63
N ARG D 81 7.47 26.09 -13.64
CA ARG D 81 6.43 26.93 -14.22
C ARG D 81 5.17 26.07 -14.31
N VAL D 82 4.10 26.53 -13.67
CA VAL D 82 2.92 25.70 -13.45
C VAL D 82 1.86 26.00 -14.50
N GLU D 83 1.23 24.93 -15.01
CA GLU D 83 0.07 25.00 -15.88
C GLU D 83 -0.97 24.03 -15.38
N PHE D 84 -2.24 24.37 -15.56
CA PHE D 84 -3.34 23.60 -15.00
C PHE D 84 -4.25 23.08 -16.10
N LEU D 85 -4.69 21.82 -15.95
CA LEU D 85 -5.64 21.21 -16.85
C LEU D 85 -6.90 20.78 -16.10
N ASP D 109 3.37 26.27 -25.71
CA ASP D 109 4.64 26.72 -25.14
C ASP D 109 5.41 25.54 -24.57
N ILE D 110 5.20 24.37 -25.15
CA ILE D 110 5.86 23.14 -24.73
C ILE D 110 7.04 22.88 -25.66
N ARG D 111 6.91 23.37 -26.90
CA ARG D 111 7.90 23.19 -27.96
C ARG D 111 9.33 23.47 -27.49
N GLY D 112 10.11 22.41 -27.28
CA GLY D 112 11.50 22.54 -26.92
C GLY D 112 11.79 22.63 -25.44
N LYS D 113 10.77 22.58 -24.59
CA LYS D 113 10.95 22.74 -23.15
C LYS D 113 10.63 21.42 -22.44
N HIS D 114 11.13 21.30 -21.22
CA HIS D 114 10.97 20.11 -20.41
C HIS D 114 9.66 20.17 -19.63
N VAL D 115 8.91 19.07 -19.66
CA VAL D 115 7.57 19.01 -19.06
C VAL D 115 7.55 17.91 -18.02
N LEU D 116 6.87 18.17 -16.91
CA LEU D 116 6.68 17.20 -15.84
C LEU D 116 5.22 17.25 -15.42
N VAL D 117 4.48 16.19 -15.71
CA VAL D 117 3.04 16.13 -15.43
C VAL D 117 2.82 15.65 -14.01
N LEU D 118 2.06 16.42 -13.24
CA LEU D 118 1.71 16.09 -11.87
C LEU D 118 0.25 15.68 -11.80
N GLU D 119 -0.03 14.60 -11.07
CA GLU D 119 -1.38 14.14 -10.82
C GLU D 119 -1.45 13.57 -9.41
N ASP D 120 -2.54 13.89 -8.70
CA ASP D 120 -2.68 13.45 -7.32
C ASP D 120 -2.78 11.94 -7.22
N ILE D 121 -3.67 11.33 -8.01
CA ILE D 121 -3.88 9.89 -7.97
C ILE D 121 -3.82 9.33 -9.38
N LEU D 122 -3.28 8.12 -9.50
CA LEU D 122 -3.16 7.41 -10.78
C LEU D 122 -3.75 6.03 -10.61
N ASP D 123 -4.92 5.80 -11.21
CA ASP D 123 -5.63 4.54 -11.03
C ASP D 123 -5.73 3.75 -12.33
N THR D 124 -6.66 4.13 -13.21
CA THR D 124 -6.87 3.39 -14.45
C THR D 124 -5.87 3.76 -15.54
N ALA D 125 -5.08 4.81 -15.34
CA ALA D 125 -4.08 5.30 -16.29
C ALA D 125 -4.68 5.75 -17.62
N LEU D 126 -6.01 5.85 -17.70
CA LEU D 126 -6.65 6.31 -18.93
C LEU D 126 -6.50 7.81 -19.08
N THR D 127 -6.92 8.57 -18.08
CA THR D 127 -6.85 10.02 -18.15
C THR D 127 -5.41 10.50 -18.31
N LEU D 128 -4.48 9.90 -17.58
CA LEU D 128 -3.11 10.39 -17.58
C LEU D 128 -2.41 10.11 -18.90
N ARG D 129 -2.71 8.97 -19.53
CA ARG D 129 -1.99 8.59 -20.74
C ARG D 129 -2.32 9.52 -21.91
N GLU D 130 -3.62 9.78 -22.13
CA GLU D 130 -3.99 10.65 -23.24
C GLU D 130 -3.54 12.08 -23.03
N VAL D 131 -3.35 12.50 -21.78
CA VAL D 131 -2.75 13.81 -21.52
C VAL D 131 -1.30 13.82 -21.98
N VAL D 132 -0.55 12.76 -21.69
CA VAL D 132 0.83 12.67 -22.16
C VAL D 132 0.87 12.56 -23.67
N ASP D 133 -0.09 11.85 -24.27
CA ASP D 133 -0.13 11.74 -25.72
C ASP D 133 -0.36 13.10 -26.38
N SER D 134 -1.25 13.91 -25.81
CA SER D 134 -1.51 15.22 -26.37
C SER D 134 -0.37 16.20 -26.11
N LEU D 135 0.29 16.07 -24.95
CA LEU D 135 1.41 16.95 -24.65
C LEU D 135 2.62 16.62 -25.51
N LYS D 136 2.85 15.34 -25.79
CA LYS D 136 3.97 14.94 -26.64
C LYS D 136 3.77 15.37 -28.09
N LYS D 137 2.55 15.75 -28.48
CA LYS D 137 2.31 16.27 -29.81
C LYS D 137 3.09 17.55 -30.05
N SER D 138 2.92 18.54 -29.16
CA SER D 138 3.74 19.75 -29.21
C SER D 138 5.16 19.39 -28.80
N GLU D 139 5.95 18.95 -29.80
CA GLU D 139 7.30 18.38 -29.69
C GLU D 139 8.08 18.88 -28.48
N PRO D 140 8.06 18.14 -27.37
CA PRO D 140 8.77 18.58 -26.18
C PRO D 140 10.19 18.05 -26.12
N ALA D 141 11.03 18.77 -25.37
CA ALA D 141 12.39 18.31 -25.17
C ALA D 141 12.44 17.06 -24.30
N SER D 142 11.48 16.91 -23.39
CA SER D 142 11.40 15.77 -22.48
C SER D 142 10.08 15.87 -21.72
N ILE D 143 9.51 14.71 -21.40
CA ILE D 143 8.31 14.66 -20.57
C ILE D 143 8.28 13.33 -19.82
N LYS D 144 7.85 13.40 -18.56
CA LYS D 144 7.51 12.23 -17.77
C LYS D 144 6.56 12.68 -16.67
N THR D 145 5.97 11.71 -15.99
CA THR D 145 4.90 11.98 -15.05
C THR D 145 5.35 11.78 -13.61
N LEU D 146 4.69 12.49 -12.70
CA LEU D 146 4.93 12.38 -11.26
C LEU D 146 3.58 12.35 -10.57
N VAL D 147 3.33 11.31 -9.79
CA VAL D 147 2.05 11.12 -9.11
C VAL D 147 2.28 11.04 -7.61
N ALA D 148 1.33 11.59 -6.85
CA ALA D 148 1.39 11.47 -5.39
C ALA D 148 0.92 10.09 -4.94
N ILE D 149 -0.30 9.71 -5.33
CA ILE D 149 -0.88 8.42 -4.98
C ILE D 149 -0.92 7.58 -6.25
N ASP D 150 -0.31 6.40 -6.19
CA ASP D 150 -0.33 5.45 -7.30
C ASP D 150 -1.18 4.25 -6.92
N LYS D 151 -2.08 3.86 -7.82
CA LYS D 151 -2.88 2.65 -7.67
C LYS D 151 -2.44 1.65 -8.74
N PRO D 152 -1.41 0.86 -8.50
CA PRO D 152 -0.96 -0.10 -9.53
C PRO D 152 -2.00 -1.14 -9.86
N GLY D 153 -2.81 -1.56 -8.89
CA GLY D 153 -3.81 -2.59 -9.11
C GLY D 153 -5.13 -2.04 -9.63
N GLY D 154 -5.07 -1.07 -10.53
CA GLY D 154 -6.28 -0.50 -11.09
C GLY D 154 -6.13 -0.14 -12.56
N ARG D 155 -4.98 -0.50 -13.14
CA ARG D 155 -4.70 -0.14 -14.52
C ARG D 155 -5.61 -0.89 -15.49
N LYS D 156 -6.23 -0.15 -16.41
CA LYS D 156 -6.86 -0.75 -17.57
C LYS D 156 -5.91 -0.80 -18.77
N ILE D 157 -4.80 -0.08 -18.69
CA ILE D 157 -3.74 -0.14 -19.70
C ILE D 157 -2.39 -0.12 -19.00
N PRO D 158 -1.38 -0.73 -19.61
CA PRO D 158 -0.04 -0.71 -19.01
C PRO D 158 0.55 0.69 -19.00
N PHE D 159 0.99 1.13 -17.82
CA PHE D 159 1.56 2.46 -17.66
C PHE D 159 2.37 2.50 -16.36
N THR D 160 3.54 3.11 -16.42
CA THR D 160 4.42 3.24 -15.27
C THR D 160 4.90 4.69 -15.16
N ALA D 161 4.66 5.29 -14.00
CA ALA D 161 5.12 6.66 -13.76
C ALA D 161 6.56 6.66 -13.29
N GLU D 162 7.32 7.65 -13.75
CA GLU D 162 8.74 7.71 -13.41
C GLU D 162 8.98 8.06 -11.95
N TYR D 163 8.04 8.79 -11.33
CA TYR D 163 8.18 9.20 -9.94
C TYR D 163 6.86 8.96 -9.24
N VAL D 164 6.89 8.19 -8.15
CA VAL D 164 5.71 7.85 -7.37
C VAL D 164 5.99 8.21 -5.92
N VAL D 165 5.13 9.04 -5.33
CA VAL D 165 5.30 9.41 -3.93
C VAL D 165 4.87 8.27 -3.02
N ALA D 166 3.70 7.69 -3.28
CA ALA D 166 3.19 6.61 -2.45
C ALA D 166 2.33 5.68 -3.30
N ASP D 167 2.19 4.44 -2.84
CA ASP D 167 1.38 3.43 -3.50
C ASP D 167 0.26 3.01 -2.56
N VAL D 168 -0.94 2.85 -3.12
CA VAL D 168 -2.13 2.59 -2.32
C VAL D 168 -2.87 1.38 -2.87
N PRO D 169 -3.34 0.47 -2.01
CA PRO D 169 -4.15 -0.67 -2.50
C PRO D 169 -5.48 -0.23 -3.09
N ASN D 170 -6.25 -1.19 -3.61
CA ASN D 170 -7.53 -0.89 -4.24
C ASN D 170 -8.59 -0.50 -3.21
N VAL D 171 -8.39 0.63 -2.54
CA VAL D 171 -9.37 1.18 -1.61
C VAL D 171 -9.60 2.64 -1.98
N PHE D 172 -10.81 3.12 -1.71
CA PHE D 172 -11.13 4.51 -2.01
C PHE D 172 -10.60 5.40 -0.88
N VAL D 173 -9.81 6.40 -1.27
CA VAL D 173 -9.15 7.28 -0.31
C VAL D 173 -9.48 8.72 -0.63
N VAL D 174 -9.47 9.57 0.40
CA VAL D 174 -9.68 11.00 0.28
C VAL D 174 -8.56 11.73 1.01
N GLY D 175 -8.61 13.05 0.96
CA GLY D 175 -7.60 13.87 1.59
C GLY D 175 -6.42 14.17 0.67
N TYR D 176 -5.71 15.24 1.01
CA TYR D 176 -4.58 15.73 0.22
C TYR D 176 -4.99 15.96 -1.23
N GLY D 177 -6.12 16.63 -1.40
CA GLY D 177 -6.68 16.90 -2.70
C GLY D 177 -7.66 15.86 -3.21
N LEU D 178 -7.51 14.61 -2.76
CA LEU D 178 -8.45 13.57 -3.17
C LEU D 178 -9.80 13.79 -2.49
N ASP D 179 -10.87 13.72 -3.28
CA ASP D 179 -12.19 14.10 -2.81
C ASP D 179 -13.18 12.95 -2.93
N TYR D 180 -14.21 13.00 -2.10
CA TYR D 180 -15.45 12.25 -2.33
C TYR D 180 -16.51 13.29 -2.65
N ASP D 181 -16.76 13.47 -3.95
CA ASP D 181 -17.73 14.45 -4.45
C ASP D 181 -17.39 15.85 -3.93
N GLN D 182 -16.22 16.33 -4.35
CA GLN D 182 -15.75 17.70 -4.13
C GLN D 182 -15.52 18.03 -2.66
N SER D 183 -15.54 17.06 -1.77
CA SER D 183 -15.35 17.28 -0.34
C SER D 183 -14.19 16.45 0.18
N TYR D 184 -13.78 16.76 1.41
CA TYR D 184 -12.73 16.08 2.17
C TYR D 184 -11.34 16.29 1.58
N ARG D 185 -11.16 17.19 0.62
CA ARG D 185 -9.83 17.46 0.10
C ARG D 185 -8.96 18.18 1.12
N GLU D 186 -9.59 18.96 2.00
CA GLU D 186 -8.86 19.73 3.01
C GLU D 186 -8.18 18.86 4.05
N VAL D 187 -8.48 17.56 4.08
CA VAL D 187 -7.80 16.66 5.00
C VAL D 187 -6.32 16.61 4.63
N ARG D 188 -5.45 16.78 5.64
CA ARG D 188 -4.02 16.81 5.39
C ARG D 188 -3.45 15.43 5.09
N ASP D 189 -4.18 14.36 5.40
CA ASP D 189 -3.70 13.00 5.23
C ASP D 189 -4.53 12.26 4.19
N VAL D 190 -3.95 11.18 3.68
CA VAL D 190 -4.65 10.28 2.76
C VAL D 190 -5.25 9.16 3.60
N VAL D 191 -6.58 9.13 3.69
CA VAL D 191 -7.28 8.22 4.58
C VAL D 191 -8.34 7.45 3.79
N ILE D 192 -8.67 6.26 4.27
CA ILE D 192 -9.73 5.45 3.68
C ILE D 192 -11.07 5.94 4.23
N LEU D 193 -11.93 6.43 3.34
CA LEU D 193 -13.25 6.89 3.75
C LEU D 193 -14.06 5.75 4.35
N LYS D 194 -14.78 6.05 5.43
CA LYS D 194 -15.62 5.05 6.06
C LYS D 194 -16.70 4.58 5.09
N PRO D 195 -16.96 3.27 5.02
CA PRO D 195 -17.93 2.76 4.03
C PRO D 195 -19.33 3.32 4.19
N SER D 196 -19.66 3.89 5.34
CA SER D 196 -21.02 4.38 5.56
C SER D 196 -21.30 5.63 4.75
N VAL D 197 -20.34 6.55 4.68
CA VAL D 197 -20.65 7.91 4.24
C VAL D 197 -20.96 7.98 2.75
N TYR D 198 -20.38 7.09 1.94
CA TYR D 198 -20.51 7.27 0.49
C TYR D 198 -21.71 6.57 -0.13
N GLU D 199 -22.53 5.87 0.66
CA GLU D 199 -23.87 5.52 0.23
C GLU D 199 -24.95 6.01 1.17
N THR D 200 -24.60 6.44 2.39
CA THR D 200 -25.49 7.30 3.15
C THR D 200 -25.75 8.60 2.38
N TRP D 201 -24.75 9.08 1.64
CA TRP D 201 -24.89 10.28 0.83
C TRP D 201 -25.62 10.02 -0.49
N GLY D 202 -25.70 8.77 -0.92
CA GLY D 202 -26.34 8.43 -2.18
C GLY D 202 -27.78 8.89 -2.31
#